data_8FBX
#
_entry.id   8FBX
#
_cell.length_a   93.000
_cell.length_b   68.560
_cell.length_c   93.570
_cell.angle_alpha   90.000
_cell.angle_beta   118.130
_cell.angle_gamma   90.000
#
_symmetry.space_group_name_H-M   'P 1 2 1'
#
loop_
_entity.id
_entity.type
_entity.pdbx_description
1 polymer 'Selenosugar synthase SenB'
2 non-polymer 'SODIUM ION'
3 non-polymer 'CHLORIDE ION'
4 water water
#
_entity_poly.entity_id   1
_entity_poly.type   'polypeptide(L)'
_entity_poly.pdbx_seq_one_letter_code
;MGSSHHHHHHSSGLVPRGSHMSNPSLVIVSPALPGANNGNWRTAQRWKALLSPVCSARVVQQWPDADASADTVMLALHAR
RSAESIAHWAHAHPGRGLGVVLTGTDLYQDIGSDPQAQRSLQLAQRLVVLQALGAEALPPECRAKARVVYQSTSARAELP
KSARQLRAVMVGHLRQVKSPQTLFDAARLLCGREDIRIDHIGDAGDAGLGELARALASDCPGYRWLGALPHAQTRQRIQR
AHVLVHTSALEGGAHVIMEAVRSGTPVLASRVPGNVGMLGNDYAGYFPHGDAAALAALLEACRAGQGSKDRAAGLLDSLR
TQCALRAPLFDPRAEQAALFQLLNELQPPPP
;
_entity_poly.pdbx_strand_id   A,B,C
#
# COMPACT_ATOMS: atom_id res chain seq x y z
CA SER A 22 -6.82 -34.94 -36.20
C SER A 22 -7.36 -36.10 -35.37
N ASN A 23 -6.71 -37.27 -35.44
CA ASN A 23 -7.12 -38.40 -34.57
C ASN A 23 -5.91 -39.23 -34.12
N PRO A 24 -4.96 -38.67 -33.35
CA PRO A 24 -3.91 -39.48 -32.77
C PRO A 24 -4.49 -40.39 -31.67
N SER A 25 -3.80 -41.47 -31.34
CA SER A 25 -4.24 -42.32 -30.20
C SER A 25 -3.37 -41.98 -28.99
N LEU A 26 -3.93 -41.27 -28.01
CA LEU A 26 -3.16 -40.82 -26.82
C LEU A 26 -3.38 -41.72 -25.61
N VAL A 27 -2.28 -42.02 -24.91
CA VAL A 27 -2.39 -42.79 -23.66
C VAL A 27 -1.87 -41.92 -22.50
N ILE A 28 -2.68 -41.76 -21.47
CA ILE A 28 -2.29 -41.03 -20.24
C ILE A 28 -1.96 -42.05 -19.14
N VAL A 29 -0.71 -42.06 -18.68
CA VAL A 29 -0.31 -42.94 -17.61
C VAL A 29 -0.48 -42.20 -16.29
N SER A 30 -1.36 -42.71 -15.45
CA SER A 30 -1.57 -42.23 -14.08
C SER A 30 -1.47 -43.42 -13.14
N PRO A 31 -0.30 -43.69 -12.52
CA PRO A 31 -0.13 -44.92 -11.73
C PRO A 31 -0.62 -44.80 -10.29
N ALA A 32 -1.48 -43.83 -10.03
CA ALA A 32 -2.03 -43.64 -8.68
C ALA A 32 -2.81 -44.87 -8.22
N LEU A 33 -2.84 -45.10 -6.92
CA LEU A 33 -3.64 -46.22 -6.34
C LEU A 33 -5.11 -45.81 -6.29
N PRO A 34 -6.07 -46.74 -6.50
CA PRO A 34 -7.50 -46.44 -6.44
C PRO A 34 -7.91 -45.83 -5.10
N GLY A 39 -5.47 -36.53 -7.00
CA GLY A 39 -4.43 -35.70 -7.56
C GLY A 39 -4.09 -36.00 -9.03
N ASN A 40 -3.21 -37.01 -9.24
CA ASN A 40 -2.86 -37.38 -10.61
C ASN A 40 -4.05 -37.99 -11.37
N TRP A 41 -4.90 -38.78 -10.71
CA TRP A 41 -6.10 -39.32 -11.38
C TRP A 41 -7.02 -38.20 -11.86
N ARG A 42 -7.22 -37.19 -11.02
CA ARG A 42 -8.06 -36.06 -11.35
C ARG A 42 -7.49 -35.29 -12.53
N THR A 43 -6.18 -35.02 -12.51
CA THR A 43 -5.52 -34.40 -13.65
C THR A 43 -5.68 -35.24 -14.90
N ALA A 44 -5.45 -36.55 -14.78
CA ALA A 44 -5.54 -37.41 -15.94
C ALA A 44 -6.93 -37.36 -16.57
N GLN A 45 -7.96 -37.46 -15.74
CA GLN A 45 -9.35 -37.40 -16.22
C GLN A 45 -9.66 -36.04 -16.82
N ARG A 46 -9.16 -34.95 -16.21
CA ARG A 46 -9.39 -33.63 -16.78
C ARG A 46 -8.69 -33.48 -18.12
N TRP A 47 -7.47 -33.99 -18.27
CA TRP A 47 -6.74 -33.92 -19.55
C TRP A 47 -7.46 -34.72 -20.64
N LYS A 48 -7.91 -35.93 -20.32
CA LYS A 48 -8.67 -36.78 -21.28
C LYS A 48 -9.88 -36.01 -21.80
N ALA A 49 -10.61 -35.34 -20.92
CA ALA A 49 -11.81 -34.58 -21.33
C ALA A 49 -11.45 -33.39 -22.22
N LEU A 50 -10.34 -32.72 -21.95
CA LEU A 50 -9.94 -31.54 -22.74
C LEU A 50 -9.32 -31.95 -24.08
N LEU A 51 -8.74 -33.16 -24.14
CA LEU A 51 -8.06 -33.65 -25.37
C LEU A 51 -8.99 -34.53 -26.21
N SER A 52 -10.06 -35.04 -25.61
CA SER A 52 -10.99 -35.95 -26.34
C SER A 52 -11.49 -35.32 -27.67
N PRO A 53 -11.73 -33.99 -27.85
CA PRO A 53 -12.12 -33.47 -29.17
C PRO A 53 -11.12 -33.58 -30.33
N VAL A 54 -9.87 -33.89 -30.03
CA VAL A 54 -8.83 -33.91 -31.09
C VAL A 54 -8.12 -35.26 -31.10
N CYS A 55 -8.51 -36.17 -30.21
CA CYS A 55 -7.76 -37.43 -30.17
C CYS A 55 -8.56 -38.54 -29.49
N SER A 56 -8.20 -39.78 -29.80
CA SER A 56 -8.76 -40.91 -29.04
C SER A 56 -7.91 -41.01 -27.77
N ALA A 57 -8.44 -40.54 -26.65
CA ALA A 57 -7.62 -40.50 -25.43
C ALA A 57 -8.07 -41.57 -24.44
N ARG A 58 -7.11 -42.19 -23.76
CA ARG A 58 -7.40 -43.25 -22.76
C ARG A 58 -6.45 -43.10 -21.56
N VAL A 59 -6.89 -43.53 -20.38
CA VAL A 59 -6.08 -43.48 -19.16
C VAL A 59 -5.79 -44.90 -18.73
N VAL A 60 -4.55 -45.12 -18.30
CA VAL A 60 -4.09 -46.47 -17.87
C VAL A 60 -3.27 -46.30 -16.58
N GLN A 61 -3.12 -47.38 -15.82
CA GLN A 61 -2.24 -47.34 -14.63
C GLN A 61 -0.83 -47.72 -15.08
N GLN A 62 -0.74 -48.57 -16.09
CA GLN A 62 0.55 -49.06 -16.58
C GLN A 62 0.50 -49.33 -18.09
N TRP A 63 1.60 -49.06 -18.76
CA TRP A 63 1.75 -49.32 -20.21
C TRP A 63 3.00 -50.18 -20.37
N PRO A 64 2.93 -51.24 -21.19
CA PRO A 64 1.76 -51.49 -22.01
C PRO A 64 0.58 -52.30 -21.46
N ASP A 65 -0.54 -52.28 -22.19
CA ASP A 65 -1.72 -53.11 -21.84
C ASP A 65 -2.14 -53.83 -23.12
N ALA A 66 -3.36 -54.34 -23.19
CA ALA A 66 -3.78 -55.08 -24.38
C ALA A 66 -4.11 -54.21 -25.59
N ASP A 67 -4.42 -52.92 -25.40
CA ASP A 67 -4.75 -52.01 -26.50
C ASP A 67 -3.59 -51.11 -26.93
N ALA A 68 -2.37 -51.50 -26.55
CA ALA A 68 -1.24 -50.59 -26.63
C ALA A 68 -0.69 -50.47 -28.03
N SER A 69 -0.93 -51.44 -28.92
CA SER A 69 -0.30 -51.33 -30.24
C SER A 69 -0.84 -50.13 -31.01
N ALA A 70 -1.99 -49.61 -30.61
CA ALA A 70 -2.59 -48.50 -31.34
C ALA A 70 -2.08 -47.12 -30.91
N ASP A 71 -1.47 -47.01 -29.73
CA ASP A 71 -1.11 -45.71 -29.15
C ASP A 71 0.05 -45.05 -29.89
N THR A 72 -0.06 -43.73 -30.11
CA THR A 72 0.96 -42.99 -30.83
C THR A 72 1.65 -41.94 -29.98
N VAL A 73 0.93 -41.43 -28.98
CA VAL A 73 1.47 -40.40 -28.06
C VAL A 73 1.23 -40.83 -26.61
N MET A 74 2.22 -40.61 -25.75
CA MET A 74 2.08 -40.93 -24.33
C MET A 74 2.24 -39.70 -23.45
N LEU A 75 1.32 -39.53 -22.51
CA LEU A 75 1.45 -38.49 -21.48
C LEU A 75 1.53 -39.22 -20.13
N ALA A 76 2.73 -39.39 -19.61
CA ALA A 76 2.93 -40.11 -18.34
C ALA A 76 3.10 -39.14 -17.17
N LEU A 77 2.34 -39.36 -16.11
CA LEU A 77 2.37 -38.45 -14.95
C LEU A 77 3.31 -38.98 -13.86
N HIS A 78 4.27 -38.17 -13.43
CA HIS A 78 5.26 -38.48 -12.37
C HIS A 78 6.46 -39.29 -12.86
N ALA A 79 7.60 -38.63 -12.85
CA ALA A 79 8.78 -39.16 -13.52
C ALA A 79 9.24 -40.46 -12.86
N ARG A 80 8.90 -40.68 -11.60
CA ARG A 80 9.31 -41.89 -10.89
C ARG A 80 8.21 -42.93 -10.89
N ARG A 81 7.01 -42.56 -10.43
CA ARG A 81 5.93 -43.53 -10.37
C ARG A 81 5.54 -44.12 -11.74
N SER A 82 5.80 -43.43 -12.84
CA SER A 82 5.49 -43.96 -14.17
C SER A 82 6.75 -44.41 -14.92
N ALA A 83 7.90 -44.42 -14.26
CA ALA A 83 9.18 -44.67 -14.94
C ALA A 83 9.17 -45.97 -15.73
N GLU A 84 8.46 -46.98 -15.26
CA GLU A 84 8.56 -48.26 -15.96
C GLU A 84 7.74 -48.21 -17.23
N SER A 85 6.54 -47.61 -17.19
CA SER A 85 5.82 -47.31 -18.42
C SER A 85 6.65 -46.41 -19.34
N ILE A 86 7.26 -45.38 -18.78
CA ILE A 86 8.04 -44.48 -19.61
C ILE A 86 9.16 -45.24 -20.33
N ALA A 87 9.83 -46.14 -19.62
CA ALA A 87 10.92 -46.87 -20.22
C ALA A 87 10.38 -47.82 -21.29
N HIS A 88 9.26 -48.50 -21.01
CA HIS A 88 8.64 -49.33 -22.03
C HIS A 88 8.28 -48.55 -23.28
N TRP A 89 7.75 -47.32 -23.12
CA TRP A 89 7.39 -46.50 -24.28
C TRP A 89 8.63 -46.13 -25.11
N ALA A 90 9.70 -45.72 -24.45
CA ALA A 90 10.87 -45.26 -25.18
C ALA A 90 11.52 -46.41 -25.97
N HIS A 91 11.33 -47.67 -25.55
CA HIS A 91 11.84 -48.83 -26.31
C HIS A 91 10.97 -49.10 -27.55
N ALA A 92 9.66 -49.07 -27.37
CA ALA A 92 8.71 -49.35 -28.48
C ALA A 92 8.62 -48.16 -29.44
N HIS A 93 8.88 -46.95 -28.96
CA HIS A 93 8.77 -45.72 -29.80
C HIS A 93 9.98 -44.83 -29.59
N PRO A 94 11.18 -45.23 -30.08
CA PRO A 94 12.40 -44.44 -29.87
C PRO A 94 12.37 -43.03 -30.50
N GLY A 95 12.48 -42.00 -29.66
CA GLY A 95 12.44 -40.59 -30.12
C GLY A 95 11.06 -40.13 -30.53
N ARG A 96 10.01 -40.84 -30.09
CA ARG A 96 8.66 -40.52 -30.61
C ARG A 96 7.54 -40.53 -29.57
N GLY A 97 6.77 -39.44 -29.48
CA GLY A 97 5.54 -39.39 -28.67
C GLY A 97 5.66 -39.43 -27.16
N LEU A 98 6.81 -39.16 -26.56
CA LEU A 98 6.89 -39.31 -25.08
C LEU A 98 6.81 -37.97 -24.35
N GLY A 99 5.69 -37.73 -23.69
CA GLY A 99 5.55 -36.56 -22.81
C GLY A 99 5.56 -37.00 -21.36
N VAL A 100 6.49 -36.49 -20.57
CA VAL A 100 6.57 -36.84 -19.14
C VAL A 100 6.15 -35.62 -18.32
N VAL A 101 5.17 -35.82 -17.44
CA VAL A 101 4.64 -34.70 -16.61
C VAL A 101 5.24 -34.74 -15.20
N LEU A 102 5.92 -33.67 -14.81
CA LEU A 102 6.45 -33.53 -13.47
C LEU A 102 5.35 -32.97 -12.58
N THR A 103 4.83 -33.80 -11.70
CA THR A 103 3.68 -33.43 -10.89
C THR A 103 4.05 -32.83 -9.54
N GLY A 104 5.31 -32.91 -9.14
CA GLY A 104 5.65 -32.26 -7.89
C GLY A 104 6.75 -32.96 -7.12
N THR A 105 6.43 -34.08 -6.46
CA THR A 105 7.45 -34.70 -5.62
C THR A 105 8.58 -35.29 -6.48
N ASP A 106 8.29 -35.62 -7.74
CA ASP A 106 9.34 -36.06 -8.65
C ASP A 106 10.32 -34.94 -8.95
N LEU A 107 9.78 -33.73 -9.18
CA LEU A 107 10.61 -32.59 -9.51
C LEU A 107 11.35 -32.06 -8.29
N TYR A 108 10.68 -32.00 -7.13
CA TYR A 108 11.22 -31.39 -5.93
C TYR A 108 11.62 -32.41 -4.88
N ASP A 110 13.05 -36.24 -5.86
CA ASP A 110 13.28 -37.50 -6.61
C ASP A 110 14.34 -37.33 -7.70
N ILE A 111 14.27 -36.31 -8.55
CA ILE A 111 15.22 -36.19 -9.69
C ILE A 111 16.63 -35.83 -9.21
N GLY A 112 16.82 -35.66 -7.90
CA GLY A 112 18.16 -35.43 -7.33
C GLY A 112 18.93 -36.72 -7.17
N SER A 113 18.28 -37.76 -6.64
CA SER A 113 18.96 -39.06 -6.41
C SER A 113 18.33 -40.18 -7.22
N ASP A 114 17.01 -40.16 -7.42
CA ASP A 114 16.32 -41.29 -8.09
C ASP A 114 16.87 -41.54 -9.50
N PRO A 115 17.55 -42.67 -9.83
CA PRO A 115 17.96 -42.91 -11.22
C PRO A 115 16.80 -43.07 -12.17
N GLN A 116 15.69 -43.65 -11.71
CA GLN A 116 14.56 -43.79 -12.62
C GLN A 116 14.00 -42.43 -13.00
N ALA A 117 13.78 -41.56 -12.02
CA ALA A 117 13.28 -40.21 -12.31
C ALA A 117 14.18 -39.54 -13.32
N GLN A 118 15.50 -39.59 -13.11
CA GLN A 118 16.47 -39.03 -14.05
C GLN A 118 16.36 -39.67 -15.45
N ARG A 119 16.18 -41.00 -15.51
CA ARG A 119 16.08 -41.66 -16.80
C ARG A 119 14.84 -41.17 -17.55
N SER A 120 13.73 -40.97 -16.82
CA SER A 120 12.50 -40.46 -17.40
C SER A 120 12.69 -39.08 -18.03
N LEU A 121 13.47 -38.22 -17.39
CA LEU A 121 13.72 -36.89 -17.95
C LEU A 121 14.46 -36.99 -19.29
N GLN A 122 15.43 -37.90 -19.40
CA GLN A 122 16.24 -37.99 -20.60
C GLN A 122 15.46 -38.63 -21.75
N LEU A 123 14.62 -39.62 -21.46
CA LEU A 123 13.89 -40.31 -22.53
C LEU A 123 12.79 -39.45 -23.14
N ALA A 124 12.32 -38.42 -22.43
CA ALA A 124 11.14 -37.71 -22.90
C ALA A 124 11.41 -36.82 -24.12
N GLN A 125 10.48 -36.82 -25.08
CA GLN A 125 10.52 -35.80 -26.12
C GLN A 125 10.11 -34.43 -25.58
N ARG A 126 9.21 -34.41 -24.60
CA ARG A 126 8.75 -33.17 -23.99
C ARG A 126 8.52 -33.39 -22.49
N LEU A 127 8.87 -32.38 -21.69
CA LEU A 127 8.59 -32.39 -20.27
C LEU A 127 7.54 -31.32 -20.00
N VAL A 128 6.64 -31.62 -19.08
CA VAL A 128 5.60 -30.67 -18.74
C VAL A 128 5.78 -30.30 -17.28
N VAL A 129 5.84 -29.01 -17.01
CA VAL A 129 5.83 -28.48 -15.67
C VAL A 129 4.51 -27.77 -15.55
N LEU A 130 4.03 -27.67 -14.31
CA LEU A 130 2.65 -27.25 -14.11
C LEU A 130 2.54 -25.81 -13.64
N GLN A 131 3.68 -25.15 -13.46
CA GLN A 131 3.74 -23.76 -13.04
C GLN A 131 5.08 -23.19 -13.51
N ALA A 132 5.16 -21.86 -13.47
CA ALA A 132 6.20 -21.15 -14.20
C ALA A 132 7.60 -21.59 -13.77
N LEU A 133 7.78 -21.85 -12.48
CA LEU A 133 9.12 -22.01 -11.92
C LEU A 133 9.64 -23.44 -12.06
N GLY A 134 8.82 -24.37 -12.55
CA GLY A 134 9.23 -25.76 -12.59
C GLY A 134 10.54 -25.99 -13.33
N ALA A 135 10.75 -25.35 -14.48
CA ALA A 135 11.94 -25.68 -15.25
C ALA A 135 13.26 -25.34 -14.55
N GLU A 136 13.25 -24.45 -13.57
CA GLU A 136 14.48 -24.08 -12.81
C GLU A 136 15.00 -25.29 -12.02
N ALA A 137 14.11 -26.17 -11.55
CA ALA A 137 14.52 -27.37 -10.78
C ALA A 137 14.94 -28.47 -11.75
N LEU A 138 14.66 -28.27 -13.04
CA LEU A 138 14.98 -29.29 -14.05
C LEU A 138 16.46 -29.18 -14.42
N PRO A 139 17.17 -30.28 -14.75
CA PRO A 139 18.55 -30.13 -15.20
C PRO A 139 18.63 -29.19 -16.42
N PRO A 140 19.74 -28.44 -16.58
CA PRO A 140 19.89 -27.48 -17.67
C PRO A 140 19.59 -28.04 -19.08
N GLU A 141 20.01 -29.26 -19.37
CA GLU A 141 19.85 -29.87 -20.71
C GLU A 141 18.43 -30.38 -20.94
N CYS A 142 17.57 -30.30 -19.93
CA CYS A 142 16.17 -30.79 -20.04
C CYS A 142 15.20 -29.61 -20.15
N ARG A 143 15.69 -28.38 -19.98
CA ARG A 143 14.77 -27.20 -19.92
C ARG A 143 14.22 -26.82 -21.31
N ALA A 144 15.04 -26.88 -22.37
CA ALA A 144 14.59 -26.47 -23.70
C ALA A 144 13.36 -27.30 -24.12
N LYS A 145 13.32 -28.56 -23.72
CA LYS A 145 12.19 -29.41 -24.08
C LYS A 145 11.04 -29.34 -23.05
N ALA A 146 11.18 -28.51 -22.01
CA ALA A 146 10.10 -28.31 -21.04
C ALA A 146 9.03 -27.35 -21.55
N ARG A 147 7.78 -27.59 -21.14
CA ARG A 147 6.68 -26.73 -21.48
C ARG A 147 5.82 -26.48 -20.25
N VAL A 148 5.30 -25.26 -20.13
CA VAL A 148 4.49 -24.87 -18.98
C VAL A 148 3.01 -25.05 -19.35
N VAL A 149 2.32 -25.93 -18.64
CA VAL A 149 0.88 -26.16 -18.79
C VAL A 149 0.27 -25.97 -17.41
N TYR A 150 -0.28 -24.79 -17.15
CA TYR A 150 -1.00 -24.51 -15.92
C TYR A 150 -2.23 -25.41 -15.78
N GLN A 151 -2.51 -25.81 -14.55
CA GLN A 151 -3.70 -26.60 -14.32
C GLN A 151 -4.95 -25.72 -14.46
N SER A 152 -6.11 -26.33 -14.45
CA SER A 152 -7.31 -25.53 -14.64
C SER A 152 -8.42 -26.08 -13.77
N THR A 153 -9.38 -25.21 -13.46
CA THR A 153 -10.57 -25.60 -12.73
C THR A 153 -11.75 -24.70 -13.14
N SER A 154 -12.95 -25.13 -12.78
CA SER A 154 -14.11 -24.30 -13.07
C SER A 154 -14.15 -23.10 -12.13
N ALA A 155 -14.74 -22.01 -12.60
CA ALA A 155 -14.82 -20.81 -11.80
C ALA A 155 -16.04 -20.86 -10.87
N ARG A 156 -15.94 -20.16 -9.75
CA ARG A 156 -17.09 -19.85 -8.93
C ARG A 156 -17.23 -18.34 -8.88
N ALA A 157 -18.46 -17.86 -8.65
CA ALA A 157 -18.69 -16.43 -8.53
C ALA A 157 -18.06 -15.87 -7.25
N GLU A 158 -17.45 -14.69 -7.35
CA GLU A 158 -16.93 -14.03 -6.16
C GLU A 158 -18.08 -13.49 -5.33
N LEU A 159 -18.10 -13.87 -4.11
CA LEU A 159 -19.10 -13.52 -3.12
C LEU A 159 -18.70 -12.29 -2.33
N PRO A 160 -19.69 -11.47 -1.95
CA PRO A 160 -19.42 -10.38 -1.01
C PRO A 160 -18.98 -10.95 0.34
N LYS A 161 -18.03 -10.27 0.99
CA LYS A 161 -17.43 -10.73 2.26
C LYS A 161 -17.58 -9.68 3.37
N SER A 162 -17.84 -10.14 4.59
CA SER A 162 -17.98 -9.22 5.71
C SER A 162 -16.69 -8.49 6.04
N ALA A 163 -16.83 -7.25 6.50
CA ALA A 163 -15.71 -6.48 7.03
C ALA A 163 -15.50 -6.72 8.52
N ARG A 164 -16.36 -7.52 9.16
CA ARG A 164 -16.39 -7.64 10.61
C ARG A 164 -15.65 -8.86 11.16
N GLN A 165 -15.19 -9.78 10.29
CA GLN A 165 -14.28 -10.86 10.64
C GLN A 165 -13.54 -11.31 9.37
N LEU A 166 -12.51 -12.13 9.58
CA LEU A 166 -11.69 -12.70 8.52
C LEU A 166 -11.69 -14.21 8.71
N ARG A 167 -12.41 -14.94 7.88
CA ARG A 167 -12.41 -16.39 7.95
C ARG A 167 -11.39 -16.94 6.96
N ALA A 168 -10.44 -17.69 7.51
CA ALA A 168 -9.39 -18.34 6.71
C ALA A 168 -9.68 -19.83 6.64
N VAL A 169 -9.54 -20.39 5.47
CA VAL A 169 -9.80 -21.84 5.27
C VAL A 169 -8.49 -22.50 4.82
N MET A 170 -8.21 -23.67 5.36
CA MET A 170 -7.06 -24.45 4.87
C MET A 170 -7.59 -25.84 4.52
N VAL A 171 -7.33 -26.28 3.30
CA VAL A 171 -7.71 -27.66 2.90
C VAL A 171 -6.42 -28.44 2.78
N GLY A 172 -6.28 -29.46 3.60
CA GLY A 172 -5.00 -30.16 3.60
C GLY A 172 -5.04 -31.33 4.52
N HIS A 173 -4.93 -32.52 3.94
CA HIS A 173 -4.88 -33.76 4.76
C HIS A 173 -3.82 -33.59 5.83
N LEU A 174 -4.12 -34.06 7.03
CA LEU A 174 -3.17 -33.90 8.15
C LEU A 174 -2.26 -35.14 8.18
N SER A 179 2.17 -28.45 5.63
CA SER A 179 2.86 -28.13 6.89
C SER A 179 1.84 -27.93 8.01
N PRO A 180 1.28 -29.01 8.61
CA PRO A 180 0.20 -28.86 9.60
C PRO A 180 0.62 -28.01 10.80
N GLN A 181 1.83 -28.24 11.32
CA GLN A 181 2.35 -27.52 12.51
C GLN A 181 2.38 -26.01 12.29
N THR A 182 2.70 -25.56 11.07
CA THR A 182 2.83 -24.10 10.82
C THR A 182 1.48 -23.43 11.06
N LEU A 183 0.40 -24.01 10.52
CA LEU A 183 -0.91 -23.42 10.80
C LEU A 183 -1.26 -23.53 12.28
N PHE A 184 -0.99 -24.70 12.89
CA PHE A 184 -1.32 -24.94 14.29
C PHE A 184 -0.68 -23.89 15.18
N ASP A 185 0.58 -23.57 14.91
CA ASP A 185 1.33 -22.58 15.73
C ASP A 185 0.77 -21.18 15.53
N ALA A 186 0.48 -20.78 14.29
CA ALA A 186 -0.15 -19.48 14.02
C ALA A 186 -1.50 -19.34 14.77
N ALA A 187 -2.28 -20.40 14.84
CA ALA A 187 -3.60 -20.36 15.49
C ALA A 187 -3.44 -20.20 17.00
N ARG A 188 -2.42 -20.81 17.57
CA ARG A 188 -2.12 -20.66 19.02
C ARG A 188 -1.56 -19.26 19.28
N LEU A 189 -0.84 -18.69 18.32
CA LEU A 189 -0.31 -17.32 18.47
C LEU A 189 -1.49 -16.34 18.38
N LEU A 190 -2.62 -16.80 17.86
CA LEU A 190 -3.84 -15.95 17.75
C LEU A 190 -4.92 -16.53 18.67
N CYS A 191 -4.56 -17.30 19.70
CA CYS A 191 -5.54 -18.04 20.55
C CYS A 191 -6.78 -17.26 20.97
N GLY A 192 -6.65 -16.04 21.46
CA GLY A 192 -7.84 -15.32 21.96
C GLY A 192 -8.72 -14.69 20.91
N ARG A 193 -8.19 -14.46 19.71
CA ARG A 193 -8.95 -13.71 18.68
C ARG A 193 -10.12 -14.51 18.11
N GLU A 194 -11.34 -13.96 18.17
CA GLU A 194 -12.48 -14.64 17.49
C GLU A 194 -12.77 -13.89 16.20
N ASP A 195 -12.04 -12.81 15.94
CA ASP A 195 -12.25 -11.98 14.73
C ASP A 195 -11.47 -12.62 13.58
N ILE A 196 -10.47 -13.42 13.90
CA ILE A 196 -9.76 -14.22 12.85
C ILE A 196 -10.16 -15.67 13.09
N ARG A 197 -10.84 -16.27 12.14
CA ARG A 197 -11.28 -17.64 12.31
C ARG A 197 -10.55 -18.53 11.33
N ILE A 198 -10.04 -19.67 11.79
CA ILE A 198 -9.32 -20.61 10.93
C ILE A 198 -10.12 -21.90 10.89
N ASP A 199 -10.56 -22.27 9.68
CA ASP A 199 -11.32 -23.49 9.44
C ASP A 199 -10.45 -24.49 8.69
N HIS A 200 -10.09 -25.56 9.37
CA HIS A 200 -9.19 -26.58 8.77
C HIS A 200 -10.03 -27.74 8.24
N ILE A 201 -9.99 -27.95 6.94
CA ILE A 201 -10.76 -29.03 6.29
C ILE A 201 -9.77 -30.12 5.88
N GLY A 202 -10.10 -31.37 6.18
CA GLY A 202 -9.24 -32.45 5.73
C GLY A 202 -9.32 -33.65 6.64
N ASP A 203 -9.11 -34.83 6.09
CA ASP A 203 -9.08 -36.05 6.93
C ASP A 203 -7.68 -36.17 7.53
N ALA A 204 -7.59 -36.66 8.76
CA ALA A 204 -6.28 -36.85 9.39
C ALA A 204 -5.67 -38.19 8.96
N GLY A 210 -4.56 -35.07 14.45
CA GLY A 210 -5.98 -35.38 14.58
C GLY A 210 -6.49 -34.95 15.95
N GLU A 211 -5.89 -35.51 17.00
CA GLU A 211 -6.24 -35.07 18.38
C GLU A 211 -5.51 -33.76 18.62
N LEU A 212 -4.36 -33.57 17.97
CA LEU A 212 -3.67 -32.26 18.04
C LEU A 212 -4.63 -31.18 17.53
N ALA A 213 -5.34 -31.48 16.44
CA ALA A 213 -6.30 -30.53 15.86
C ALA A 213 -7.47 -30.32 16.82
N ARG A 214 -8.07 -31.41 17.30
CA ARG A 214 -9.22 -31.36 18.24
C ARG A 214 -8.83 -30.56 19.48
N ALA A 215 -7.61 -30.74 19.97
CA ALA A 215 -7.12 -29.96 21.11
C ALA A 215 -7.12 -28.47 20.75
N LEU A 216 -6.50 -28.10 19.63
CA LEU A 216 -6.41 -26.68 19.20
C LEU A 216 -7.84 -26.12 19.08
N ALA A 217 -8.79 -26.94 18.64
CA ALA A 217 -10.18 -26.48 18.51
C ALA A 217 -10.80 -26.21 19.89
N SER A 218 -10.63 -27.10 20.86
CA SER A 218 -11.15 -26.81 22.23
C SER A 218 -10.45 -25.59 22.83
N ASP A 219 -9.12 -25.53 22.73
CA ASP A 219 -8.34 -24.46 23.40
C ASP A 219 -8.50 -23.09 22.75
N CYS A 220 -8.63 -23.06 21.42
CA CYS A 220 -8.66 -21.76 20.72
C CYS A 220 -10.01 -21.52 20.09
N PRO A 221 -10.75 -20.51 20.57
CA PRO A 221 -12.03 -20.15 19.99
C PRO A 221 -12.06 -20.03 18.45
N GLY A 222 -11.01 -19.49 17.84
CA GLY A 222 -11.04 -19.25 16.38
C GLY A 222 -10.53 -20.39 15.53
N TYR A 223 -10.07 -21.49 16.10
CA TYR A 223 -9.66 -22.64 15.26
C TYR A 223 -10.73 -23.72 15.24
N ARG A 224 -11.02 -24.25 14.06
CA ARG A 224 -12.00 -25.35 13.94
C ARG A 224 -11.51 -26.38 12.95
N TRP A 225 -11.47 -27.65 13.36
CA TRP A 225 -11.15 -28.75 12.41
C TRP A 225 -12.48 -29.40 12.00
N LEU A 226 -12.88 -29.24 10.75
CA LEU A 226 -14.18 -29.74 10.28
C LEU A 226 -14.03 -31.18 9.80
N GLY A 227 -12.79 -31.65 9.77
CA GLY A 227 -12.51 -33.00 9.27
C GLY A 227 -12.69 -33.12 7.78
N ALA A 228 -12.79 -34.36 7.31
CA ALA A 228 -12.98 -34.61 5.87
C ALA A 228 -14.36 -34.11 5.44
N LEU A 229 -14.40 -33.32 4.38
CA LEU A 229 -15.68 -32.80 3.91
C LEU A 229 -15.86 -33.13 2.43
N PRO A 230 -17.11 -33.29 1.96
CA PRO A 230 -17.39 -33.48 0.53
C PRO A 230 -16.77 -32.38 -0.32
N HIS A 231 -16.53 -32.73 -1.60
CA HIS A 231 -15.85 -31.83 -2.52
C HIS A 231 -16.68 -30.56 -2.80
N ALA A 232 -18.00 -30.67 -2.90
CA ALA A 232 -18.85 -29.49 -3.19
C ALA A 232 -18.84 -28.54 -1.99
N GLN A 233 -18.92 -29.09 -0.78
CA GLN A 233 -18.88 -28.29 0.46
C GLN A 233 -17.53 -27.61 0.63
N THR A 234 -16.45 -28.32 0.31
CA THR A 234 -15.08 -27.75 0.43
C THR A 234 -14.94 -26.53 -0.52
N ARG A 235 -15.43 -26.64 -1.75
CA ARG A 235 -15.29 -25.52 -2.67
C ARG A 235 -16.17 -24.35 -2.25
N GLN A 236 -17.35 -24.65 -1.67
CA GLN A 236 -18.23 -23.56 -1.22
C GLN A 236 -17.60 -22.83 -0.05
N ARG A 237 -16.97 -23.56 0.86
CA ARG A 237 -16.32 -22.89 1.96
C ARG A 237 -15.14 -22.04 1.48
N ILE A 238 -14.44 -22.49 0.43
CA ILE A 238 -13.32 -21.71 -0.10
C ILE A 238 -13.85 -20.46 -0.78
N GLN A 239 -14.86 -20.64 -1.61
CA GLN A 239 -15.59 -19.51 -2.16
C GLN A 239 -16.08 -18.58 -1.05
N ARG A 240 -16.56 -19.13 0.08
CA ARG A 240 -17.10 -18.24 1.11
C ARG A 240 -16.04 -17.65 2.04
N ALA A 241 -14.84 -18.23 2.08
CA ALA A 241 -13.78 -17.73 2.98
C ALA A 241 -13.22 -16.38 2.49
N HIS A 242 -12.78 -15.54 3.44
CA HIS A 242 -12.06 -14.33 3.05
C HIS A 242 -10.70 -14.67 2.42
N VAL A 243 -10.11 -15.75 2.88
CA VAL A 243 -8.73 -16.13 2.42
C VAL A 243 -8.48 -17.63 2.54
N LEU A 244 -7.67 -18.20 1.65
CA LEU A 244 -7.25 -19.62 1.73
C LEU A 244 -5.80 -19.57 2.22
N VAL A 245 -5.47 -20.42 3.17
CA VAL A 245 -4.07 -20.50 3.68
C VAL A 245 -3.47 -21.82 3.20
N HIS A 246 -2.33 -21.76 2.52
CA HIS A 246 -1.63 -22.97 2.04
C HIS A 246 -0.19 -22.96 2.55
N THR A 247 0.15 -23.87 3.45
CA THR A 247 1.49 -23.88 4.08
C THR A 247 2.32 -25.01 3.48
N SER A 248 1.73 -25.79 2.58
CA SER A 248 2.40 -27.02 2.09
C SER A 248 3.63 -26.79 1.21
N ALA A 249 4.59 -27.72 1.28
CA ALA A 249 5.78 -27.69 0.39
C ALA A 249 5.90 -29.07 -0.26
N ALA A 254 -2.29 -27.46 -4.66
CA ALA A 254 -2.16 -26.76 -5.95
C ALA A 254 -3.56 -26.58 -6.54
N HIS A 255 -4.33 -27.65 -6.60
CA HIS A 255 -5.74 -27.50 -7.03
C HIS A 255 -6.49 -26.57 -6.05
N VAL A 256 -6.17 -26.62 -4.76
CA VAL A 256 -6.88 -25.77 -3.76
C VAL A 256 -6.62 -24.31 -4.07
N ILE A 257 -5.40 -23.96 -4.44
CA ILE A 257 -5.05 -22.56 -4.76
C ILE A 257 -5.81 -22.12 -6.01
N MET A 258 -5.91 -22.97 -7.02
CA MET A 258 -6.68 -22.66 -8.25
C MET A 258 -8.15 -22.47 -7.89
N GLU A 259 -8.70 -23.37 -7.10
CA GLU A 259 -10.13 -23.30 -6.68
C GLU A 259 -10.41 -21.98 -5.94
N ALA A 260 -9.46 -21.51 -5.15
CA ALA A 260 -9.62 -20.23 -4.42
C ALA A 260 -9.57 -19.07 -5.42
N VAL A 261 -8.50 -19.00 -6.21
CA VAL A 261 -8.28 -17.92 -7.20
C VAL A 261 -9.47 -17.81 -8.15
N ARG A 262 -10.00 -18.95 -8.58
CA ARG A 262 -11.11 -18.97 -9.57
C ARG A 262 -12.46 -18.73 -8.87
N SER A 263 -12.47 -18.70 -7.54
CA SER A 263 -13.71 -18.44 -6.77
C SER A 263 -13.62 -17.05 -6.13
N GLY A 264 -12.65 -16.24 -6.57
CA GLY A 264 -12.53 -14.85 -6.08
C GLY A 264 -12.03 -14.79 -4.64
N THR A 265 -11.30 -15.82 -4.21
CA THR A 265 -10.78 -15.85 -2.82
C THR A 265 -9.26 -15.72 -2.85
N PRO A 266 -8.66 -14.69 -2.21
CA PRO A 266 -7.19 -14.57 -2.14
C PRO A 266 -6.50 -15.70 -1.38
N VAL A 267 -5.18 -15.83 -1.54
CA VAL A 267 -4.41 -16.92 -0.91
C VAL A 267 -3.22 -16.44 -0.06
N LEU A 268 -3.02 -17.04 1.11
CA LEU A 268 -1.80 -16.78 1.90
C LEU A 268 -1.00 -18.07 1.76
N ALA A 269 0.19 -17.99 1.18
CA ALA A 269 0.92 -19.22 0.85
C ALA A 269 2.39 -19.21 1.25
N SER A 270 2.92 -20.39 1.56
CA SER A 270 4.36 -20.55 1.82
C SER A 270 5.15 -20.18 0.56
N ARG A 271 6.28 -19.49 0.73
CA ARG A 271 7.14 -19.10 -0.42
C ARG A 271 7.95 -20.31 -0.86
N VAL A 272 7.31 -21.22 -1.55
CA VAL A 272 8.04 -22.34 -2.15
C VAL A 272 7.78 -22.31 -3.65
N PRO A 273 8.70 -22.84 -4.48
CA PRO A 273 8.59 -22.66 -5.95
C PRO A 273 7.24 -23.03 -6.51
N GLY A 274 6.62 -24.13 -6.04
CA GLY A 274 5.33 -24.51 -6.58
C GLY A 274 4.29 -23.43 -6.39
N ASN A 275 4.29 -22.78 -5.22
CA ASN A 275 3.29 -21.75 -4.94
C ASN A 275 3.60 -20.47 -5.69
N VAL A 276 4.87 -20.02 -5.66
CA VAL A 276 5.25 -18.83 -6.40
C VAL A 276 4.94 -18.95 -7.87
N GLY A 277 5.07 -20.17 -8.41
CA GLY A 277 4.78 -20.36 -9.83
C GLY A 277 3.32 -20.16 -10.12
N MET A 278 2.47 -20.38 -9.12
CA MET A 278 1.04 -20.22 -9.36
C MET A 278 0.55 -18.79 -9.18
N LEU A 279 1.08 -18.12 -8.16
CA LEU A 279 0.68 -16.79 -7.74
C LEU A 279 1.59 -15.68 -8.24
N GLY A 280 2.83 -15.95 -8.63
CA GLY A 280 3.60 -14.85 -9.21
C GLY A 280 4.71 -14.31 -8.29
N ASN A 281 5.84 -13.93 -8.92
CA ASN A 281 7.01 -13.53 -8.16
C ASN A 281 6.73 -12.28 -7.34
N ASP A 282 5.83 -11.43 -7.79
CA ASP A 282 5.56 -10.20 -7.04
C ASP A 282 4.27 -10.28 -6.21
N TYR A 283 3.85 -11.48 -5.83
CA TYR A 283 2.69 -11.66 -4.96
C TYR A 283 2.97 -11.16 -3.53
N ALA A 284 1.99 -10.46 -2.94
CA ALA A 284 2.17 -9.89 -1.60
C ALA A 284 1.61 -10.76 -0.48
N GLY A 285 1.23 -12.01 -0.76
CA GLY A 285 0.62 -12.87 0.26
C GLY A 285 1.44 -14.12 0.58
N TYR A 286 2.76 -13.98 0.55
CA TYR A 286 3.63 -15.12 0.89
C TYR A 286 4.15 -15.03 2.32
N PHE A 287 4.37 -16.18 2.92
CA PHE A 287 4.99 -16.22 4.25
C PHE A 287 6.22 -17.15 4.16
N PRO A 288 7.31 -16.99 4.93
CA PRO A 288 8.39 -18.00 4.89
C PRO A 288 7.90 -19.37 5.34
N HIS A 289 8.26 -20.38 4.58
CA HIS A 289 7.93 -21.74 4.96
C HIS A 289 8.38 -22.04 6.39
N GLY A 290 7.48 -22.62 7.20
CA GLY A 290 7.72 -22.92 8.61
C GLY A 290 7.69 -21.74 9.57
N ASP A 291 7.43 -20.51 9.08
CA ASP A 291 7.40 -19.31 9.91
C ASP A 291 5.96 -19.00 10.30
N ALA A 292 5.49 -19.59 11.42
CA ALA A 292 4.13 -19.36 11.91
C ALA A 292 3.90 -17.92 12.33
N ALA A 293 4.90 -17.28 12.95
CA ALA A 293 4.72 -15.89 13.33
C ALA A 293 4.45 -15.03 12.10
N ALA A 294 5.20 -15.25 11.03
CA ALA A 294 4.95 -14.54 9.78
C ALA A 294 3.55 -14.81 9.22
N LEU A 295 3.05 -16.04 9.41
CA LEU A 295 1.70 -16.39 8.97
C LEU A 295 0.65 -15.69 9.80
N ALA A 296 0.82 -15.72 11.14
CA ALA A 296 -0.04 -14.96 12.06
C ALA A 296 -0.03 -13.46 11.74
N ALA A 297 1.16 -12.91 11.44
CA ALA A 297 1.23 -11.48 11.13
C ALA A 297 0.43 -11.19 9.88
N LEU A 298 0.50 -12.10 8.90
CA LEU A 298 -0.17 -11.88 7.63
C LEU A 298 -1.68 -11.92 7.80
N LEU A 299 -2.19 -12.85 8.60
CA LEU A 299 -3.61 -12.84 8.92
C LEU A 299 -4.02 -11.56 9.64
N GLU A 300 -3.21 -11.13 10.63
CA GLU A 300 -3.49 -9.90 11.38
C GLU A 300 -3.48 -8.69 10.45
N ALA A 301 -2.60 -8.68 9.45
CA ALA A 301 -2.59 -7.54 8.54
C ALA A 301 -3.81 -7.59 7.63
N CYS A 302 -4.16 -8.77 7.14
CA CYS A 302 -5.41 -8.90 6.38
C CYS A 302 -6.58 -8.39 7.22
N ARG A 303 -6.67 -8.80 8.48
CA ARG A 303 -7.77 -8.37 9.39
C ARG A 303 -7.76 -6.86 9.59
N ALA A 304 -6.60 -6.28 9.80
CA ALA A 304 -6.50 -4.83 10.08
C ALA A 304 -7.04 -4.00 8.91
N GLY A 305 -6.71 -4.36 7.67
CA GLY A 305 -7.13 -3.58 6.50
C GLY A 305 -8.61 -3.74 6.23
N GLN A 306 -9.29 -4.57 7.00
CA GLN A 306 -10.75 -4.70 6.85
C GLN A 306 -11.42 -3.47 7.49
N GLY A 307 -12.38 -2.89 6.77
CA GLY A 307 -13.12 -1.71 7.23
C GLY A 307 -12.42 -0.36 7.05
N GLY A 314 -5.94 -1.71 1.86
CA GLY A 314 -5.81 -2.93 2.67
C GLY A 314 -5.14 -4.14 1.99
N LEU A 315 -4.28 -4.87 2.73
CA LEU A 315 -3.61 -6.02 2.13
C LEU A 315 -4.62 -6.98 1.53
N LEU A 316 -5.72 -7.24 2.21
CA LEU A 316 -6.66 -8.20 1.67
C LEU A 316 -7.17 -7.72 0.32
N ASP A 317 -7.52 -6.43 0.21
CA ASP A 317 -7.97 -5.90 -1.06
C ASP A 317 -6.88 -6.03 -2.12
N SER A 318 -5.62 -5.81 -1.75
CA SER A 318 -4.55 -6.00 -2.72
C SER A 318 -4.41 -7.44 -3.15
N LEU A 319 -4.56 -8.37 -2.21
CA LEU A 319 -4.43 -9.77 -2.57
C LEU A 319 -5.55 -10.19 -3.51
N ARG A 320 -6.76 -9.68 -3.27
CA ARG A 320 -7.87 -9.97 -4.15
C ARG A 320 -7.58 -9.51 -5.58
N THR A 321 -7.06 -8.29 -5.74
CA THR A 321 -6.75 -7.73 -7.08
C THR A 321 -5.68 -8.60 -7.74
N GLN A 322 -4.65 -8.98 -7.00
CA GLN A 322 -3.52 -9.76 -7.55
C GLN A 322 -3.96 -11.17 -7.98
N CYS A 323 -4.88 -11.77 -7.23
CA CYS A 323 -5.35 -13.13 -7.56
C CYS A 323 -6.22 -13.09 -8.82
N ALA A 324 -6.96 -12.00 -9.00
CA ALA A 324 -7.88 -11.89 -10.16
C ALA A 324 -7.08 -11.80 -11.45
N LEU A 325 -5.85 -11.31 -11.38
CA LEU A 325 -4.96 -11.28 -12.55
C LEU A 325 -4.35 -12.67 -12.78
N ARG A 326 -4.23 -13.49 -11.73
CA ARG A 326 -3.74 -14.86 -11.90
C ARG A 326 -4.81 -15.81 -12.44
N ALA A 327 -6.09 -15.53 -12.13
CA ALA A 327 -7.17 -16.48 -12.41
C ALA A 327 -7.25 -16.90 -13.87
N PRO A 328 -7.07 -16.02 -14.85
CA PRO A 328 -7.16 -16.47 -16.25
C PRO A 328 -6.08 -17.46 -16.66
N LEU A 329 -4.99 -17.62 -15.88
CA LEU A 329 -4.06 -18.72 -16.16
C LEU A 329 -4.69 -20.08 -15.92
N PHE A 330 -5.74 -20.17 -15.11
CA PHE A 330 -6.31 -21.46 -14.75
C PHE A 330 -7.63 -21.73 -15.48
N ASP A 331 -7.87 -21.05 -16.59
CA ASP A 331 -9.06 -21.31 -17.41
C ASP A 331 -8.91 -22.63 -18.17
N PRO A 332 -9.90 -23.53 -18.12
CA PRO A 332 -9.82 -24.74 -18.95
C PRO A 332 -9.49 -24.43 -20.39
N ARG A 333 -9.98 -23.31 -20.95
CA ARG A 333 -9.65 -23.04 -22.34
C ARG A 333 -8.15 -22.95 -22.52
N ALA A 334 -7.47 -22.37 -21.54
CA ALA A 334 -6.04 -22.18 -21.61
C ALA A 334 -5.32 -23.52 -21.47
N GLU A 335 -5.73 -24.35 -20.51
CA GLU A 335 -5.07 -25.64 -20.38
C GLU A 335 -5.29 -26.50 -21.61
N GLN A 336 -6.52 -26.50 -22.12
CA GLN A 336 -6.81 -27.23 -23.33
C GLN A 336 -5.91 -26.77 -24.47
N ALA A 337 -5.77 -25.44 -24.64
CA ALA A 337 -4.94 -24.95 -25.74
C ALA A 337 -3.47 -25.35 -25.56
N ALA A 338 -2.97 -25.26 -24.32
CA ALA A 338 -1.60 -25.67 -24.12
C ALA A 338 -1.46 -27.14 -24.45
N LEU A 339 -2.50 -27.95 -24.14
CA LEU A 339 -2.40 -29.39 -24.42
C LEU A 339 -2.42 -29.65 -25.94
N PHE A 340 -3.32 -28.98 -26.66
CA PHE A 340 -3.34 -29.09 -28.11
C PHE A 340 -1.94 -28.88 -28.69
N GLN A 341 -1.28 -27.80 -28.28
CA GLN A 341 0.01 -27.50 -28.87
C GLN A 341 1.00 -28.61 -28.54
N LEU A 342 1.02 -29.04 -27.28
CA LEU A 342 1.89 -30.11 -26.85
C LEU A 342 1.65 -31.37 -27.66
N LEU A 343 0.38 -31.76 -27.86
CA LEU A 343 0.06 -32.95 -28.70
C LEU A 343 0.58 -32.79 -30.13
N ASN A 344 0.41 -31.62 -30.74
CA ASN A 344 0.95 -31.36 -32.10
C ASN A 344 2.48 -31.50 -32.10
N GLU A 345 3.14 -31.20 -31.00
CA GLU A 345 4.62 -31.32 -30.91
C GLU A 345 5.04 -32.79 -30.72
N LEU A 346 4.25 -33.57 -30.00
CA LEU A 346 4.60 -34.98 -29.70
C LEU A 346 4.21 -35.89 -30.86
N GLN A 347 3.14 -35.53 -31.58
CA GLN A 347 2.63 -36.34 -32.71
C GLN A 347 3.79 -36.78 -33.61
N PRO A 348 4.07 -38.09 -33.69
CA PRO A 348 5.12 -38.60 -34.55
C PRO A 348 4.64 -38.78 -35.99
N PRO A 349 5.47 -38.52 -37.02
CA PRO A 349 5.09 -38.81 -38.40
C PRO A 349 4.81 -40.31 -38.57
N PRO A 350 3.87 -40.70 -39.45
CA PRO A 350 3.52 -42.10 -39.63
C PRO A 350 4.75 -42.99 -39.82
N PRO A 351 4.81 -44.14 -39.12
CA PRO A 351 5.96 -45.02 -39.21
C PRO A 351 6.27 -45.50 -40.64
N ASN B 23 22.83 21.47 -27.32
CA ASN B 23 22.55 20.26 -26.53
C ASN B 23 23.73 19.29 -26.63
N PRO B 24 24.30 18.94 -25.49
CA PRO B 24 25.49 18.09 -25.49
C PRO B 24 25.14 16.63 -25.81
N SER B 25 26.12 15.94 -26.36
CA SER B 25 26.00 14.53 -26.72
C SER B 25 26.76 13.74 -25.68
N LEU B 26 26.02 13.14 -24.76
CA LEU B 26 26.59 12.47 -23.61
C LEU B 26 26.66 10.97 -23.88
N VAL B 27 27.77 10.36 -23.50
CA VAL B 27 27.90 8.92 -23.54
C VAL B 27 28.31 8.48 -22.15
N ILE B 28 27.58 7.49 -21.63
CA ILE B 28 27.79 6.89 -20.32
C ILE B 28 28.46 5.54 -20.57
N VAL B 29 29.62 5.32 -19.97
CA VAL B 29 30.34 4.02 -20.10
C VAL B 29 30.05 3.15 -18.88
N SER B 30 29.36 2.05 -19.10
CA SER B 30 29.04 1.07 -18.03
C SER B 30 29.75 -0.23 -18.37
N PRO B 31 30.90 -0.49 -17.75
CA PRO B 31 31.59 -1.75 -17.94
C PRO B 31 30.62 -2.82 -17.44
N ALA B 32 30.36 -3.83 -18.25
CA ALA B 32 29.31 -4.81 -17.87
C ALA B 32 29.90 -6.02 -17.18
N LEU B 33 30.20 -5.89 -15.90
CA LEU B 33 30.74 -7.02 -15.10
C LEU B 33 29.83 -7.22 -13.90
N ASN B 38 25.24 -5.78 -11.73
CA ASN B 38 24.27 -5.04 -12.52
C ASN B 38 23.93 -3.67 -11.92
N GLY B 39 24.61 -3.35 -10.81
CA GLY B 39 24.34 -2.08 -10.14
C GLY B 39 24.86 -0.88 -10.92
N ASN B 40 25.99 -1.06 -11.64
CA ASN B 40 26.47 0.04 -12.48
C ASN B 40 25.56 0.25 -13.68
N TRP B 41 25.06 -0.85 -14.26
CA TRP B 41 24.09 -0.76 -15.35
C TRP B 41 22.86 0.01 -14.91
N ARG B 42 22.37 -0.29 -13.72
CA ARG B 42 21.21 0.43 -13.20
C ARG B 42 21.54 1.90 -13.00
N THR B 43 22.75 2.22 -12.52
CA THR B 43 23.11 3.63 -12.46
C THR B 43 23.10 4.26 -13.85
N ALA B 44 23.68 3.57 -14.85
CA ALA B 44 23.79 4.17 -16.17
C ALA B 44 22.41 4.47 -16.74
N GLN B 45 21.48 3.50 -16.68
CA GLN B 45 20.13 3.72 -17.20
C GLN B 45 19.44 4.86 -16.47
N ARG B 46 19.49 4.83 -15.13
CA ARG B 46 18.93 5.91 -14.35
C ARG B 46 19.49 7.28 -14.78
N TRP B 47 20.82 7.40 -14.86
CA TRP B 47 21.38 8.65 -15.34
C TRP B 47 20.86 9.00 -16.71
N LYS B 48 20.83 8.03 -17.61
CA LYS B 48 20.30 8.30 -18.93
C LYS B 48 18.89 8.89 -18.81
N ALA B 49 18.04 8.28 -17.98
CA ALA B 49 16.67 8.77 -17.90
C ALA B 49 16.62 10.17 -17.30
N LEU B 50 17.46 10.43 -16.29
CA LEU B 50 17.45 11.72 -15.60
C LEU B 50 18.02 12.84 -16.48
N LEU B 51 19.02 12.53 -17.31
CA LEU B 51 19.68 13.52 -18.14
C LEU B 51 19.07 13.68 -19.54
N SER B 52 18.19 12.77 -19.96
CA SER B 52 17.70 12.82 -21.34
C SER B 52 16.93 14.09 -21.69
N PRO B 53 16.28 14.78 -20.76
CA PRO B 53 15.65 16.07 -21.11
C PRO B 53 16.63 17.16 -21.49
N VAL B 54 17.90 17.11 -21.08
CA VAL B 54 18.79 18.25 -21.31
C VAL B 54 19.87 17.96 -22.32
N CYS B 55 19.94 16.75 -22.85
CA CYS B 55 21.01 16.38 -23.75
C CYS B 55 20.57 15.13 -24.51
N SER B 56 21.39 14.70 -25.47
CA SER B 56 21.21 13.40 -26.12
C SER B 56 22.16 12.41 -25.44
N ALA B 57 21.61 11.43 -24.72
CA ALA B 57 22.41 10.51 -23.94
C ALA B 57 22.34 9.06 -24.43
N ARG B 58 23.47 8.35 -24.42
CA ARG B 58 23.53 6.92 -24.75
C ARG B 58 24.42 6.20 -23.75
N VAL B 59 24.19 4.90 -23.61
CA VAL B 59 24.95 4.01 -22.73
C VAL B 59 25.76 3.08 -23.60
N VAL B 60 27.08 2.99 -23.38
CA VAL B 60 27.84 1.99 -24.10
C VAL B 60 28.61 1.14 -23.09
N GLN B 61 29.14 0.00 -23.54
CA GLN B 61 29.98 -0.85 -22.67
C GLN B 61 31.44 -0.44 -22.86
N GLN B 62 31.75 0.10 -24.04
CA GLN B 62 33.12 0.53 -24.34
C GLN B 62 33.10 1.69 -25.33
N TRP B 63 34.08 2.55 -25.24
CA TRP B 63 34.22 3.68 -26.17
C TRP B 63 35.70 3.69 -26.59
N PRO B 64 36.04 3.93 -27.88
CA PRO B 64 35.06 4.33 -28.88
C PRO B 64 34.21 3.26 -29.57
N ASP B 65 33.07 3.68 -30.11
CA ASP B 65 32.20 2.75 -30.87
C ASP B 65 31.93 3.39 -32.23
N ALA B 66 31.08 2.75 -33.03
CA ALA B 66 30.78 3.23 -34.40
C ALA B 66 30.13 4.62 -34.43
N ASP B 67 29.57 5.07 -33.33
CA ASP B 67 28.89 6.40 -33.30
C ASP B 67 29.59 7.35 -32.35
N ALA B 68 30.92 7.29 -32.26
CA ALA B 68 31.52 8.06 -31.17
C ALA B 68 32.04 9.42 -31.59
N SER B 69 32.20 9.69 -32.89
CA SER B 69 32.70 10.99 -33.30
C SER B 69 31.78 12.10 -32.87
N ALA B 70 30.53 11.77 -32.52
CA ALA B 70 29.51 12.75 -32.18
C ALA B 70 29.47 13.10 -30.69
N ASP B 71 30.01 12.25 -29.83
CA ASP B 71 29.96 12.49 -28.38
C ASP B 71 30.79 13.70 -27.99
N THR B 72 30.29 14.54 -27.07
CA THR B 72 31.07 15.65 -26.50
C THR B 72 31.33 15.57 -24.98
N VAL B 73 30.56 14.78 -24.23
CA VAL B 73 30.73 14.60 -22.79
C VAL B 73 30.69 13.11 -22.48
N MET B 74 31.59 12.67 -21.62
CA MET B 74 31.56 11.25 -21.20
C MET B 74 31.43 11.09 -19.69
N LEU B 75 30.55 10.19 -19.25
CA LEU B 75 30.46 9.83 -17.82
C LEU B 75 30.83 8.35 -17.72
N ALA B 76 32.04 8.06 -17.25
CA ALA B 76 32.55 6.68 -17.18
C ALA B 76 32.41 6.12 -15.76
N LEU B 77 31.81 4.94 -15.65
CA LEU B 77 31.56 4.32 -14.32
C LEU B 77 32.69 3.34 -14.00
N HIS B 78 33.30 3.48 -12.82
CA HIS B 78 34.45 2.63 -12.38
C HIS B 78 35.74 3.09 -13.05
N ALA B 79 36.61 3.71 -12.27
CA ALA B 79 37.89 4.22 -12.80
C ALA B 79 38.78 3.09 -13.34
N ARG B 80 38.51 1.85 -12.99
CA ARG B 80 39.36 0.73 -13.44
C ARG B 80 38.71 -0.06 -14.58
N ARG B 81 37.47 -0.49 -14.42
CA ARG B 81 36.84 -1.36 -15.44
C ARG B 81 36.56 -0.54 -16.71
N SER B 82 36.52 0.78 -16.61
CA SER B 82 36.28 1.68 -17.75
C SER B 82 37.59 2.38 -18.16
N ALA B 83 38.71 2.03 -17.52
CA ALA B 83 40.00 2.72 -17.77
C ALA B 83 40.36 2.80 -19.27
N GLU B 84 40.10 1.74 -20.03
CA GLU B 84 40.46 1.73 -21.47
C GLU B 84 39.60 2.79 -22.19
N SER B 85 38.30 2.82 -21.93
CA SER B 85 37.51 3.84 -22.62
C SER B 85 37.90 5.23 -22.12
N ILE B 86 38.25 5.34 -20.85
CA ILE B 86 38.62 6.63 -20.28
C ILE B 86 39.88 7.15 -20.93
N ALA B 87 40.85 6.28 -21.16
CA ALA B 87 42.09 6.75 -21.79
C ALA B 87 41.85 7.04 -23.26
N HIS B 88 41.01 6.25 -23.91
CA HIS B 88 40.66 6.63 -25.26
C HIS B 88 40.05 8.02 -25.29
N TRP B 89 39.16 8.33 -24.32
CA TRP B 89 38.49 9.61 -24.37
C TRP B 89 39.49 10.73 -24.16
N ALA B 90 40.44 10.52 -23.25
CA ALA B 90 41.41 11.59 -22.99
C ALA B 90 42.38 11.79 -24.17
N HIS B 91 42.62 10.74 -24.95
CA HIS B 91 43.43 10.92 -26.14
C HIS B 91 42.66 11.72 -27.19
N ALA B 92 41.39 11.37 -27.43
CA ALA B 92 40.61 12.04 -28.48
C ALA B 92 40.21 13.47 -28.08
N HIS B 93 40.02 13.73 -26.79
CA HIS B 93 39.45 14.98 -26.29
C HIS B 93 40.29 15.47 -25.12
N PRO B 94 41.50 15.91 -25.39
CA PRO B 94 42.44 16.32 -24.31
C PRO B 94 41.88 17.45 -23.43
N GLY B 95 41.85 17.21 -22.12
CA GLY B 95 41.33 18.17 -21.14
C GLY B 95 39.84 18.49 -21.19
N ARG B 96 39.03 17.70 -21.89
CA ARG B 96 37.63 18.12 -22.07
C ARG B 96 36.63 16.99 -21.88
N GLY B 97 35.50 17.29 -21.23
CA GLY B 97 34.30 16.50 -21.23
C GLY B 97 34.32 15.24 -20.39
N LEU B 98 35.40 15.00 -19.63
CA LEU B 98 35.59 13.71 -18.98
C LEU B 98 35.13 13.78 -17.53
N GLY B 99 34.03 13.10 -17.20
CA GLY B 99 33.71 12.72 -15.82
C GLY B 99 33.88 11.23 -15.51
N VAL B 100 34.63 10.98 -14.44
CA VAL B 100 34.86 9.58 -13.98
C VAL B 100 34.11 9.36 -12.66
N VAL B 101 33.29 8.33 -12.60
CA VAL B 101 32.50 8.03 -11.40
C VAL B 101 33.19 6.92 -10.58
N LEU B 102 33.40 7.18 -9.29
CA LEU B 102 33.96 6.16 -8.38
C LEU B 102 32.79 5.36 -7.81
N THR B 103 32.71 4.08 -8.14
CA THR B 103 31.56 3.25 -7.75
C THR B 103 31.87 2.55 -6.43
N GLY B 104 33.14 2.56 -6.02
CA GLY B 104 33.48 2.01 -4.70
C GLY B 104 34.75 1.20 -4.68
N THR B 105 34.77 0.06 -5.35
CA THR B 105 35.94 -0.83 -5.40
C THR B 105 37.15 -0.04 -5.88
N ASP B 106 36.92 0.88 -6.82
CA ASP B 106 38.00 1.75 -7.35
C ASP B 106 38.52 2.61 -6.20
N LEU B 107 37.62 3.31 -5.53
CA LEU B 107 37.98 4.24 -4.43
C LEU B 107 38.61 3.50 -3.26
N TYR B 108 38.00 2.41 -2.80
CA TYR B 108 38.45 1.74 -1.55
C TYR B 108 39.27 0.47 -1.79
N GLN B 109 39.76 0.21 -3.00
CA GLN B 109 40.63 -0.99 -3.20
C GLN B 109 41.63 -0.87 -4.38
N ASP B 110 41.28 -0.18 -5.47
CA ASP B 110 42.17 -0.16 -6.67
C ASP B 110 43.09 1.05 -6.74
N ILE B 111 42.65 2.23 -6.33
CA ILE B 111 43.46 3.47 -6.54
C ILE B 111 44.73 3.46 -5.67
N GLY B 112 44.82 2.54 -4.72
CA GLY B 112 46.02 2.44 -3.88
C GLY B 112 47.19 1.81 -4.62
N SER B 113 46.92 1.09 -5.71
CA SER B 113 48.02 0.35 -6.38
C SER B 113 47.83 0.25 -7.90
N ASP B 114 46.60 0.25 -8.40
CA ASP B 114 46.32 0.05 -9.86
C ASP B 114 46.69 1.28 -10.66
N PRO B 115 47.68 1.17 -11.56
CA PRO B 115 48.09 2.29 -12.37
C PRO B 115 46.95 2.82 -13.25
N GLN B 116 46.05 1.94 -13.68
CA GLN B 116 44.92 2.33 -14.51
C GLN B 116 43.92 3.20 -13.74
N ALA B 117 43.56 2.78 -12.54
CA ALA B 117 42.68 3.59 -11.72
C ALA B 117 43.29 4.97 -11.47
N GLN B 118 44.58 5.01 -11.09
CA GLN B 118 45.26 6.28 -10.84
C GLN B 118 45.28 7.16 -12.09
N ARG B 119 45.52 6.58 -13.26
CA ARG B 119 45.51 7.39 -14.51
C ARG B 119 44.13 8.00 -14.72
N SER B 120 43.08 7.21 -14.54
CA SER B 120 41.69 7.70 -14.71
C SER B 120 41.41 8.91 -13.80
N LEU B 121 41.86 8.87 -12.55
CA LEU B 121 41.70 10.02 -11.62
C LEU B 121 42.36 11.27 -12.20
N GLN B 122 43.56 11.15 -12.74
CA GLN B 122 44.33 12.33 -13.20
C GLN B 122 43.82 12.89 -14.53
N LEU B 123 43.21 12.05 -15.35
CA LEU B 123 42.77 12.47 -16.70
C LEU B 123 41.41 13.16 -16.62
N ALA B 124 40.63 12.86 -15.60
CA ALA B 124 39.25 13.34 -15.55
C ALA B 124 39.15 14.86 -15.37
N GLN B 125 38.18 15.50 -16.03
CA GLN B 125 37.85 16.88 -15.72
C GLN B 125 37.08 16.94 -14.41
N ARG B 126 36.27 15.92 -14.10
CA ARG B 126 35.49 15.87 -12.86
C ARG B 126 35.43 14.44 -12.36
N LEU B 127 35.31 14.31 -11.06
CA LEU B 127 35.24 13.02 -10.42
C LEU B 127 33.95 13.02 -9.63
N VAL B 128 33.23 11.90 -9.66
CA VAL B 128 31.97 11.79 -8.98
C VAL B 128 32.15 10.75 -7.90
N VAL B 129 31.80 11.11 -6.66
CA VAL B 129 31.77 10.14 -5.57
C VAL B 129 30.32 10.06 -5.11
N LEU B 130 29.95 8.91 -4.57
CA LEU B 130 28.53 8.60 -4.40
C LEU B 130 28.04 8.82 -2.96
N GLN B 131 28.91 9.24 -2.07
CA GLN B 131 28.54 9.61 -0.71
C GLN B 131 29.58 10.60 -0.19
N ALA B 132 29.20 11.30 0.89
CA ALA B 132 29.89 12.50 1.35
C ALA B 132 31.36 12.27 1.71
N LEU B 133 31.73 11.08 2.16
CA LEU B 133 33.11 10.86 2.57
C LEU B 133 34.02 10.39 1.43
N GLY B 134 33.49 10.20 0.23
CA GLY B 134 34.27 9.63 -0.85
C GLY B 134 35.61 10.33 -1.06
N ALA B 135 35.60 11.66 -1.06
CA ALA B 135 36.79 12.40 -1.45
C ALA B 135 37.94 12.26 -0.45
N GLU B 136 37.67 11.85 0.79
CA GLU B 136 38.72 11.67 1.77
C GLU B 136 39.64 10.52 1.36
N ALA B 137 39.14 9.62 0.54
CA ALA B 137 39.97 8.53 0.05
C ALA B 137 40.67 8.88 -1.27
N LEU B 138 40.39 10.02 -1.81
CA LEU B 138 41.05 10.42 -3.04
C LEU B 138 42.38 11.11 -2.71
N PRO B 139 43.34 11.11 -3.64
CA PRO B 139 44.56 11.85 -3.42
C PRO B 139 44.24 13.33 -3.25
N PRO B 140 44.96 14.02 -2.34
CA PRO B 140 44.65 15.44 -2.07
C PRO B 140 44.50 16.31 -3.31
N GLU B 141 45.29 16.07 -4.36
CA GLU B 141 45.21 16.92 -5.52
C GLU B 141 44.00 16.64 -6.40
N CYS B 142 43.32 15.49 -6.24
CA CYS B 142 42.10 15.13 -6.97
C CYS B 142 40.82 15.54 -6.28
N ARG B 143 40.89 16.10 -5.07
CA ARG B 143 39.68 16.28 -4.28
C ARG B 143 38.92 17.51 -4.74
N ALA B 144 39.59 18.56 -5.17
CA ALA B 144 38.82 19.73 -5.52
C ALA B 144 37.92 19.45 -6.73
N LYS B 145 38.34 18.61 -7.65
CA LYS B 145 37.53 18.34 -8.84
C LYS B 145 36.46 17.28 -8.59
N ALA B 146 36.35 16.79 -7.36
CA ALA B 146 35.34 15.79 -7.07
C ALA B 146 33.97 16.43 -6.77
N ARG B 147 32.92 15.71 -7.10
CA ARG B 147 31.54 16.20 -6.85
C ARG B 147 30.75 15.07 -6.21
N VAL B 148 29.98 15.39 -5.18
CA VAL B 148 29.13 14.37 -4.53
C VAL B 148 27.80 14.28 -5.26
N VAL B 149 27.46 13.10 -5.76
CA VAL B 149 26.13 12.86 -6.40
C VAL B 149 25.54 11.62 -5.73
N TYR B 150 24.67 11.83 -4.74
CA TYR B 150 23.96 10.71 -4.11
C TYR B 150 23.12 9.98 -5.15
N GLN B 151 23.07 8.66 -5.04
CA GLN B 151 22.21 7.87 -5.88
C GLN B 151 20.76 8.16 -5.54
N SER B 152 19.85 7.72 -6.39
CA SER B 152 18.46 7.99 -6.12
C SER B 152 17.65 6.78 -6.52
N THR B 153 16.48 6.67 -5.91
CA THR B 153 15.51 5.70 -6.31
C THR B 153 14.16 6.29 -5.95
N SER B 154 13.11 5.74 -6.57
CA SER B 154 11.77 6.23 -6.28
C SER B 154 11.30 5.82 -4.89
N ALA B 155 10.72 6.77 -4.17
CA ALA B 155 10.28 6.52 -2.80
C ALA B 155 9.04 5.62 -2.79
N ARG B 156 9.09 4.56 -1.99
CA ARG B 156 7.94 3.68 -1.76
C ARG B 156 7.49 3.84 -0.30
N ALA B 157 6.18 3.93 -0.08
CA ALA B 157 5.71 4.21 1.27
C ALA B 157 6.06 3.06 2.22
N GLU B 158 6.31 3.44 3.47
CA GLU B 158 6.62 2.41 4.50
C GLU B 158 5.49 1.40 4.55
N LEU B 159 5.86 0.15 4.57
CA LEU B 159 4.83 -0.91 4.71
C LEU B 159 4.60 -1.17 6.19
N PRO B 160 3.36 -1.51 6.60
CA PRO B 160 3.11 -1.91 7.97
C PRO B 160 4.01 -3.08 8.39
N LYS B 161 4.44 -3.09 9.64
CA LYS B 161 5.33 -4.17 10.12
C LYS B 161 4.85 -4.70 11.46
N SER B 162 4.87 -6.03 11.62
CA SER B 162 4.38 -6.70 12.86
C SER B 162 5.36 -6.60 14.01
N ALA B 163 4.85 -6.59 15.22
CA ALA B 163 5.69 -6.60 16.43
C ALA B 163 5.96 -8.07 16.82
N ARG B 164 5.43 -9.03 16.07
CA ARG B 164 5.61 -10.44 16.45
C ARG B 164 7.02 -10.96 16.22
N GLN B 165 7.75 -10.38 15.26
CA GLN B 165 9.11 -10.83 15.02
C GLN B 165 9.91 -9.61 14.56
N LEU B 166 11.22 -9.77 14.51
CA LEU B 166 12.06 -8.77 13.87
C LEU B 166 12.77 -9.46 12.69
N ARG B 167 12.51 -9.00 11.48
CA ARG B 167 13.08 -9.62 10.28
C ARG B 167 14.22 -8.73 9.79
N ALA B 168 15.43 -9.25 9.81
CA ALA B 168 16.54 -8.50 9.24
C ALA B 168 16.99 -9.16 7.95
N VAL B 169 17.29 -8.31 6.95
CA VAL B 169 17.78 -8.71 5.63
C VAL B 169 19.19 -8.16 5.49
N MET B 170 20.15 -9.00 5.10
CA MET B 170 21.46 -8.50 4.66
C MET B 170 21.70 -8.89 3.21
N VAL B 171 22.21 -7.95 2.41
CA VAL B 171 22.43 -8.19 1.00
C VAL B 171 23.94 -8.16 0.76
N GLY B 172 24.50 -9.29 0.30
CA GLY B 172 25.93 -9.42 0.02
C GLY B 172 26.61 -10.56 0.76
CA SER B 179 31.57 -9.04 6.61
C SER B 179 30.54 -10.13 6.88
N PRO B 180 30.38 -11.14 6.01
CA PRO B 180 29.45 -12.24 6.27
C PRO B 180 29.87 -12.94 7.57
N GLN B 181 31.18 -13.07 7.81
CA GLN B 181 31.65 -13.66 9.09
C GLN B 181 31.00 -12.92 10.26
N THR B 182 30.98 -11.60 10.23
CA THR B 182 30.37 -10.80 11.32
C THR B 182 28.88 -11.15 11.44
N LEU B 183 28.24 -11.39 10.30
CA LEU B 183 26.79 -11.70 10.26
C LEU B 183 26.56 -13.15 10.72
N PHE B 184 27.41 -14.05 10.30
CA PHE B 184 27.31 -15.48 10.71
C PHE B 184 27.45 -15.56 12.23
N ASP B 185 28.47 -14.89 12.75
CA ASP B 185 28.76 -14.91 14.21
C ASP B 185 27.60 -14.27 14.99
N ALA B 186 27.02 -13.19 14.48
CA ALA B 186 25.88 -12.55 15.17
C ALA B 186 24.68 -13.48 15.15
N ALA B 187 24.47 -14.20 14.05
CA ALA B 187 23.36 -15.19 13.95
C ALA B 187 23.56 -16.33 14.95
N ARG B 188 24.78 -16.79 15.12
CA ARG B 188 25.09 -17.89 16.07
C ARG B 188 24.90 -17.37 17.49
N LEU B 189 25.28 -16.11 17.74
CA LEU B 189 25.09 -15.52 19.08
C LEU B 189 23.59 -15.47 19.40
N LEU B 190 22.75 -15.45 18.37
CA LEU B 190 21.32 -15.36 18.57
C LEU B 190 20.61 -16.66 18.14
N CYS B 191 21.37 -17.76 18.12
CA CYS B 191 20.85 -19.01 17.59
C CYS B 191 19.55 -19.44 18.28
N GLY B 192 19.45 -19.25 19.59
CA GLY B 192 18.24 -19.62 20.28
C GLY B 192 17.08 -18.65 20.22
N ARG B 193 17.27 -17.46 19.63
CA ARG B 193 16.24 -16.42 19.55
C ARG B 193 15.46 -16.54 18.24
N GLU B 194 14.43 -17.39 18.24
CA GLU B 194 13.62 -17.57 17.05
C GLU B 194 12.69 -16.40 16.76
N ASP B 195 12.67 -15.37 17.60
CA ASP B 195 11.85 -14.19 17.28
C ASP B 195 12.63 -13.16 16.46
N ILE B 196 13.90 -13.40 16.23
CA ILE B 196 14.73 -12.59 15.35
C ILE B 196 15.07 -13.45 14.14
N ARG B 197 14.67 -12.98 12.96
CA ARG B 197 14.91 -13.68 11.71
C ARG B 197 15.91 -12.89 10.87
N ILE B 198 16.94 -13.58 10.42
CA ILE B 198 18.00 -13.04 9.57
C ILE B 198 17.91 -13.71 8.20
N ASP B 199 17.59 -12.93 7.16
CA ASP B 199 17.52 -13.41 5.79
C ASP B 199 18.70 -12.85 5.04
N HIS B 200 19.61 -13.75 4.65
CA HIS B 200 20.85 -13.37 4.00
C HIS B 200 20.73 -13.60 2.50
N ILE B 201 20.87 -12.54 1.72
CA ILE B 201 20.78 -12.61 0.23
C ILE B 201 22.20 -12.39 -0.31
N GLY B 202 22.53 -12.99 -1.45
CA GLY B 202 23.88 -12.87 -1.99
C GLY B 202 24.40 -14.12 -2.66
N ASP B 203 25.30 -13.96 -3.63
CA ASP B 203 25.91 -15.12 -4.34
C ASP B 203 27.16 -15.57 -3.61
N ALA B 204 27.39 -16.87 -3.57
CA ALA B 204 28.66 -17.37 -2.98
C ALA B 204 29.76 -17.36 -4.04
N LEU B 209 31.75 -19.75 0.71
CA LEU B 209 31.40 -19.83 2.16
C LEU B 209 29.95 -20.31 2.28
N GLY B 210 29.45 -20.97 1.23
CA GLY B 210 28.05 -21.46 1.23
C GLY B 210 27.91 -22.63 2.15
N GLU B 211 29.01 -23.35 2.37
CA GLU B 211 28.98 -24.48 3.31
C GLU B 211 28.68 -23.92 4.70
N LEU B 212 29.27 -22.78 5.02
CA LEU B 212 29.08 -22.20 6.37
C LEU B 212 27.62 -21.71 6.48
N ALA B 213 27.13 -21.05 5.44
CA ALA B 213 25.77 -20.50 5.48
C ALA B 213 24.75 -21.63 5.58
N ARG B 214 24.98 -22.72 4.84
CA ARG B 214 24.02 -23.85 4.84
C ARG B 214 24.10 -24.53 6.21
N ALA B 215 25.29 -24.56 6.80
CA ALA B 215 25.47 -25.13 8.14
C ALA B 215 24.76 -24.25 9.18
N LEU B 216 24.95 -22.93 9.06
CA LEU B 216 24.28 -22.00 9.98
C LEU B 216 22.76 -22.17 9.80
N ALA B 217 22.34 -22.28 8.55
CA ALA B 217 20.92 -22.44 8.29
C ALA B 217 20.39 -23.72 8.89
N SER B 218 21.21 -24.75 8.89
CA SER B 218 20.76 -26.05 9.41
C SER B 218 20.69 -26.02 10.93
N ASP B 219 21.63 -25.34 11.58
CA ASP B 219 21.69 -25.36 13.06
C ASP B 219 20.94 -24.20 13.70
N CYS B 220 20.81 -23.07 13.00
CA CYS B 220 20.22 -21.89 13.68
C CYS B 220 18.84 -21.52 13.15
N PRO B 221 17.79 -21.69 13.96
CA PRO B 221 16.47 -21.24 13.56
C PRO B 221 16.48 -19.71 13.54
N GLY B 222 16.02 -19.11 12.44
CA GLY B 222 16.13 -17.65 12.31
C GLY B 222 17.09 -17.24 11.21
N TYR B 223 18.17 -18.00 11.01
CA TYR B 223 19.07 -17.68 9.86
C TYR B 223 18.65 -18.45 8.60
N ARG B 224 18.76 -17.78 7.47
CA ARG B 224 18.40 -18.40 6.18
C ARG B 224 19.28 -17.79 5.10
N TRP B 225 19.87 -18.63 4.25
CA TRP B 225 20.61 -18.11 3.07
C TRP B 225 19.70 -18.27 1.86
N LEU B 226 19.24 -17.16 1.29
CA LEU B 226 18.30 -17.18 0.15
C LEU B 226 19.08 -17.18 -1.16
N GLY B 227 20.39 -17.00 -1.09
CA GLY B 227 21.23 -17.03 -2.28
C GLY B 227 21.15 -15.74 -3.09
N ALA B 228 21.43 -15.83 -4.38
CA ALA B 228 21.41 -14.64 -5.21
C ALA B 228 20.00 -14.43 -5.73
N LEU B 229 19.48 -13.19 -5.55
CA LEU B 229 18.15 -12.82 -6.00
C LEU B 229 18.20 -11.73 -7.05
N PRO B 230 17.16 -11.60 -7.87
CA PRO B 230 17.09 -10.45 -8.78
C PRO B 230 16.91 -9.18 -7.98
N HIS B 231 17.39 -8.09 -8.55
CA HIS B 231 17.31 -6.78 -7.91
C HIS B 231 15.90 -6.46 -7.45
N ALA B 232 14.90 -6.71 -8.29
CA ALA B 232 13.55 -6.30 -7.92
C ALA B 232 13.04 -7.13 -6.75
N GLN B 233 13.43 -8.42 -6.69
CA GLN B 233 13.10 -9.24 -5.51
C GLN B 233 13.84 -8.78 -4.26
N THR B 234 15.12 -8.42 -4.38
CA THR B 234 15.84 -7.94 -3.22
C THR B 234 15.20 -6.68 -2.66
N ARG B 235 14.82 -5.74 -3.53
CA ARG B 235 14.14 -4.52 -3.09
C ARG B 235 12.88 -4.84 -2.31
N GLN B 236 12.06 -5.75 -2.83
CA GLN B 236 10.82 -6.09 -2.16
C GLN B 236 11.12 -6.58 -0.75
N ARG B 237 12.14 -7.41 -0.59
CA ARG B 237 12.43 -7.92 0.74
C ARG B 237 12.93 -6.82 1.66
N ILE B 238 13.68 -5.89 1.10
CA ILE B 238 14.17 -4.78 1.90
C ILE B 238 13.01 -3.97 2.44
N GLN B 239 12.10 -3.56 1.54
CA GLN B 239 10.92 -2.80 1.96
C GLN B 239 10.12 -3.57 2.99
N ARG B 240 10.07 -4.89 2.89
CA ARG B 240 9.25 -5.64 3.82
C ARG B 240 9.96 -5.88 5.13
N ALA B 241 11.29 -5.95 5.12
CA ALA B 241 12.00 -6.30 6.35
C ALA B 241 11.89 -5.18 7.40
N HIS B 242 12.00 -5.53 8.68
CA HIS B 242 12.10 -4.52 9.75
C HIS B 242 13.41 -3.74 9.72
N VAL B 243 14.48 -4.35 9.21
CA VAL B 243 15.74 -3.64 9.24
C VAL B 243 16.65 -4.25 8.21
N LEU B 244 17.56 -3.44 7.68
CA LEU B 244 18.62 -3.88 6.79
C LEU B 244 19.92 -3.90 7.59
N VAL B 245 20.67 -5.00 7.46
CA VAL B 245 22.01 -5.08 7.99
C VAL B 245 22.96 -5.05 6.81
N HIS B 246 23.97 -4.18 6.88
CA HIS B 246 24.96 -4.05 5.82
C HIS B 246 26.34 -3.99 6.44
N THR B 247 27.13 -5.04 6.25
CA THR B 247 28.46 -5.17 6.83
C THR B 247 29.57 -4.77 5.86
N SER B 248 29.36 -3.73 5.04
CA SER B 248 30.42 -3.26 4.16
C SER B 248 30.87 -4.35 3.22
N ALA B 254 25.76 -0.10 -0.90
CA ALA B 254 25.40 1.34 -0.83
C ALA B 254 24.02 1.57 -1.43
N HIS B 255 23.79 1.17 -2.68
CA HIS B 255 22.44 1.29 -3.27
C HIS B 255 21.42 0.56 -2.41
N VAL B 256 21.84 -0.47 -1.69
CA VAL B 256 20.92 -1.23 -0.79
C VAL B 256 20.53 -0.37 0.42
N ILE B 257 21.45 0.45 0.94
CA ILE B 257 21.17 1.34 2.09
C ILE B 257 20.18 2.41 1.63
N MET B 258 20.36 2.88 0.39
CA MET B 258 19.40 3.87 -0.16
C MET B 258 18.02 3.24 -0.34
N GLU B 259 17.95 2.04 -0.92
CA GLU B 259 16.65 1.40 -1.17
C GLU B 259 15.89 1.26 0.15
N ALA B 260 16.59 0.92 1.23
CA ALA B 260 15.96 0.80 2.56
C ALA B 260 15.44 2.16 3.05
N VAL B 261 16.31 3.16 3.07
CA VAL B 261 15.96 4.52 3.53
C VAL B 261 14.78 5.05 2.69
N ARG B 262 14.82 4.83 1.38
CA ARG B 262 13.75 5.36 0.55
C ARG B 262 12.50 4.50 0.61
N SER B 263 12.51 3.42 1.37
CA SER B 263 11.31 2.61 1.55
C SER B 263 10.87 2.59 2.99
N GLY B 264 11.55 3.33 3.87
CA GLY B 264 11.19 3.42 5.28
C GLY B 264 11.77 2.33 6.16
N THR B 265 12.74 1.58 5.67
CA THR B 265 13.34 0.50 6.45
C THR B 265 14.63 1.01 7.07
N PRO B 266 14.75 1.10 8.39
CA PRO B 266 15.98 1.64 8.98
C PRO B 266 17.14 0.69 8.75
N VAL B 267 18.34 1.16 9.05
CA VAL B 267 19.56 0.44 8.68
C VAL B 267 20.48 0.25 9.90
N LEU B 268 21.10 -0.93 9.97
CA LEU B 268 22.21 -1.19 10.90
C LEU B 268 23.41 -1.48 10.02
N ALA B 269 24.45 -0.67 10.17
CA ALA B 269 25.61 -0.77 9.27
C ALA B 269 26.94 -0.73 10.01
N SER B 270 27.97 -1.23 9.36
CA SER B 270 29.31 -1.13 9.93
C SER B 270 29.77 0.33 9.81
N ARG B 271 30.50 0.84 10.80
CA ARG B 271 31.03 2.22 10.79
C ARG B 271 32.22 2.32 9.83
N VAL B 272 31.93 2.28 8.54
CA VAL B 272 32.98 2.41 7.50
C VAL B 272 32.64 3.67 6.69
N PRO B 273 33.63 4.33 6.07
CA PRO B 273 33.37 5.57 5.33
C PRO B 273 32.20 5.54 4.34
N GLY B 274 32.06 4.48 3.55
CA GLY B 274 30.95 4.34 2.59
C GLY B 274 29.60 4.41 3.25
N ASN B 275 29.48 3.91 4.47
CA ASN B 275 28.19 3.86 5.21
C ASN B 275 27.91 5.18 5.94
N VAL B 276 28.91 5.80 6.57
CA VAL B 276 28.77 7.12 7.25
C VAL B 276 28.37 8.15 6.18
N GLY B 277 28.95 8.09 4.98
CA GLY B 277 28.56 8.98 3.87
C GLY B 277 27.09 8.91 3.51
N MET B 278 26.46 7.77 3.76
CA MET B 278 25.02 7.59 3.43
C MET B 278 24.10 7.89 4.62
N LEU B 279 24.49 7.55 5.84
CA LEU B 279 23.57 7.64 7.00
C LEU B 279 23.86 8.79 7.95
N GLY B 280 25.05 9.35 7.90
CA GLY B 280 25.35 10.51 8.73
C GLY B 280 26.30 10.24 9.87
N ASN B 281 27.05 11.26 10.26
CA ASN B 281 28.00 11.14 11.35
C ASN B 281 27.36 10.88 12.71
N ASP B 282 26.14 11.37 12.91
CA ASP B 282 25.44 11.18 14.17
C ASP B 282 24.44 10.05 14.11
N TYR B 283 24.53 9.20 13.12
CA TYR B 283 23.58 8.11 13.03
C TYR B 283 23.75 7.16 14.20
N ALA B 284 22.63 6.66 14.70
CA ALA B 284 22.55 5.89 15.91
C ALA B 284 22.63 4.37 15.69
N GLY B 285 22.85 3.90 14.45
CA GLY B 285 22.73 2.50 14.15
C GLY B 285 24.01 1.89 13.62
N TYR B 286 25.18 2.35 14.02
CA TYR B 286 26.39 1.73 13.54
C TYR B 286 26.88 0.68 14.51
N PHE B 287 27.67 -0.24 14.00
CA PHE B 287 28.41 -1.16 14.83
C PHE B 287 29.83 -1.23 14.28
N PRO B 288 30.85 -1.45 15.11
CA PRO B 288 32.22 -1.46 14.58
C PRO B 288 32.37 -2.61 13.59
N HIS B 289 33.15 -2.37 12.54
CA HIS B 289 33.46 -3.41 11.59
C HIS B 289 34.03 -4.64 12.29
N GLY B 290 33.52 -5.82 11.95
CA GLY B 290 33.98 -7.06 12.52
C GLY B 290 33.47 -7.39 13.91
N ASP B 291 32.75 -6.48 14.57
CA ASP B 291 32.29 -6.72 15.95
C ASP B 291 30.91 -7.35 15.93
N ALA B 292 30.86 -8.67 16.07
CA ALA B 292 29.62 -9.40 15.89
C ALA B 292 28.69 -9.21 17.09
N ALA B 293 29.24 -9.28 18.32
CA ALA B 293 28.40 -9.05 19.49
C ALA B 293 27.79 -7.65 19.49
N ALA B 294 28.53 -6.64 18.98
CA ALA B 294 27.93 -5.31 18.83
C ALA B 294 26.71 -5.36 17.91
N LEU B 295 26.80 -6.10 16.81
CA LEU B 295 25.69 -6.26 15.89
C LEU B 295 24.55 -7.04 16.53
N ALA B 296 24.88 -8.19 17.14
CA ALA B 296 23.91 -8.91 17.96
C ALA B 296 23.15 -7.98 18.89
N ALA B 297 23.88 -7.09 19.58
CA ALA B 297 23.23 -6.25 20.57
C ALA B 297 22.32 -5.25 19.91
N LEU B 298 22.68 -4.75 18.73
CA LEU B 298 21.75 -3.82 18.11
C LEU B 298 20.46 -4.55 17.71
N LEU B 299 20.58 -5.77 17.17
CA LEU B 299 19.37 -6.50 16.80
C LEU B 299 18.51 -6.79 18.03
N GLU B 300 19.14 -7.01 19.20
CA GLU B 300 18.41 -7.25 20.44
C GLU B 300 17.68 -6.00 20.91
N ALA B 301 18.33 -4.85 20.80
CA ALA B 301 17.67 -3.60 21.17
C ALA B 301 16.51 -3.28 20.24
N CYS B 302 16.71 -3.46 18.92
CA CYS B 302 15.63 -3.27 17.95
C CYS B 302 14.43 -4.15 18.27
N ARG B 303 14.68 -5.43 18.59
CA ARG B 303 13.61 -6.37 18.95
C ARG B 303 12.95 -5.98 20.28
N ALA B 304 13.74 -5.61 21.28
CA ALA B 304 13.16 -5.24 22.58
C ALA B 304 12.31 -3.97 22.47
N GLY B 305 12.73 -3.02 21.65
CA GLY B 305 11.91 -1.84 21.42
C GLY B 305 10.61 -2.13 20.70
N GLN B 306 10.45 -3.33 20.15
CA GLN B 306 9.19 -3.58 19.50
C GLN B 306 8.11 -3.75 20.58
N GLY B 314 11.70 2.98 21.33
CA GLY B 314 12.79 2.06 21.04
C GLY B 314 13.79 2.43 19.93
N LEU B 315 14.87 1.66 19.85
CA LEU B 315 15.90 1.94 18.85
C LEU B 315 15.32 1.99 17.44
N LEU B 316 14.46 1.03 17.10
CA LEU B 316 13.92 0.98 15.75
C LEU B 316 13.20 2.30 15.39
N ASP B 317 12.53 2.92 16.37
CA ASP B 317 11.81 4.15 16.07
C ASP B 317 12.76 5.33 15.89
N SER B 318 13.81 5.42 16.73
CA SER B 318 14.84 6.44 16.54
C SER B 318 15.54 6.28 15.18
N LEU B 319 15.76 5.04 14.76
CA LEU B 319 16.49 4.80 13.52
C LEU B 319 15.61 5.09 12.30
N ARG B 320 14.31 4.87 12.43
CA ARG B 320 13.38 5.26 11.38
C ARG B 320 13.29 6.78 11.22
N THR B 321 13.33 7.52 12.34
CA THR B 321 13.35 8.97 12.27
C THR B 321 14.63 9.45 11.60
N GLN B 322 15.78 8.95 12.04
CA GLN B 322 17.02 9.45 11.46
C GLN B 322 17.12 9.11 9.98
N CYS B 323 16.60 7.93 9.59
CA CYS B 323 16.59 7.50 8.20
C CYS B 323 15.64 8.33 7.37
N ALA B 324 14.54 8.80 7.98
CA ALA B 324 13.62 9.66 7.25
C ALA B 324 14.21 11.05 7.01
N LEU B 325 15.11 11.50 7.88
CA LEU B 325 15.83 12.74 7.60
C LEU B 325 16.84 12.59 6.46
N ARG B 326 17.39 11.38 6.22
CA ARG B 326 18.35 11.16 5.15
C ARG B 326 17.68 10.96 3.81
N ALA B 327 16.44 10.46 3.80
CA ALA B 327 15.85 10.01 2.55
C ALA B 327 15.82 11.08 1.48
N PRO B 328 15.57 12.36 1.78
CA PRO B 328 15.57 13.37 0.71
C PRO B 328 16.92 13.51 -0.01
N LEU B 329 18.05 13.10 0.60
CA LEU B 329 19.32 13.06 -0.14
C LEU B 329 19.21 12.16 -1.35
N PHE B 330 18.40 11.11 -1.27
CA PHE B 330 18.29 10.14 -2.36
C PHE B 330 17.03 10.37 -3.19
N ASP B 331 16.66 11.61 -3.41
CA ASP B 331 15.51 11.88 -4.27
C ASP B 331 15.96 12.04 -5.72
N PRO B 332 15.20 11.48 -6.67
CA PRO B 332 15.59 11.64 -8.08
C PRO B 332 15.76 13.09 -8.51
N ARG B 333 14.96 14.00 -7.94
CA ARG B 333 15.08 15.38 -8.37
C ARG B 333 16.44 15.92 -8.00
N ALA B 334 16.93 15.57 -6.80
CA ALA B 334 18.23 15.99 -6.34
C ALA B 334 19.36 15.37 -7.17
N GLU B 335 19.25 14.09 -7.53
CA GLU B 335 20.33 13.51 -8.33
C GLU B 335 20.36 14.13 -9.73
N GLN B 336 19.18 14.26 -10.33
CA GLN B 336 19.07 14.94 -11.61
C GLN B 336 19.66 16.36 -11.55
N ALA B 337 19.32 17.13 -10.50
CA ALA B 337 19.85 18.49 -10.46
C ALA B 337 21.36 18.48 -10.27
N ALA B 338 21.89 17.53 -9.50
CA ALA B 338 23.34 17.50 -9.40
C ALA B 338 23.96 17.01 -10.72
N LEU B 339 23.24 16.18 -11.46
CA LEU B 339 23.77 15.78 -12.77
C LEU B 339 23.64 16.89 -13.80
N PHE B 340 22.63 17.77 -13.69
CA PHE B 340 22.58 18.96 -14.55
C PHE B 340 23.79 19.85 -14.31
N GLN B 341 24.15 20.05 -13.06
CA GLN B 341 25.27 20.95 -12.78
C GLN B 341 26.58 20.33 -13.25
N LEU B 342 26.75 19.02 -13.04
CA LEU B 342 27.94 18.32 -13.49
C LEU B 342 28.11 18.40 -15.00
N LEU B 343 27.01 18.18 -15.75
CA LEU B 343 27.05 18.27 -17.20
C LEU B 343 27.42 19.68 -17.64
N ASN B 344 26.88 20.70 -16.98
CA ASN B 344 27.21 22.09 -17.30
C ASN B 344 28.69 22.40 -17.06
N GLU B 345 29.26 21.85 -16.01
CA GLU B 345 30.70 22.00 -15.78
C GLU B 345 31.53 21.28 -16.84
N LEU B 346 31.05 20.17 -17.38
CA LEU B 346 31.85 19.32 -18.30
C LEU B 346 31.71 19.71 -19.77
N GLN B 347 30.58 20.30 -20.16
CA GLN B 347 30.35 20.62 -21.59
C GLN B 347 31.46 21.57 -22.04
N PRO B 348 32.23 21.17 -23.06
CA PRO B 348 33.28 22.02 -23.59
C PRO B 348 32.73 23.12 -24.49
N PRO B 349 33.38 24.29 -24.57
CA PRO B 349 32.98 25.31 -25.52
C PRO B 349 33.16 24.74 -26.93
N PRO B 350 32.43 25.26 -27.92
CA PRO B 350 32.57 24.82 -29.29
C PRO B 350 34.02 24.87 -29.78
N PRO B 351 34.58 23.75 -30.25
CA PRO B 351 35.92 23.74 -30.80
C PRO B 351 35.99 24.40 -32.19
N SER C 22 -34.19 58.54 12.74
CA SER C 22 -34.47 57.84 14.02
C SER C 22 -33.90 56.41 14.01
N ASN C 23 -34.28 55.60 13.02
CA ASN C 23 -33.87 54.17 12.98
C ASN C 23 -32.48 53.99 12.34
N PRO C 24 -31.69 53.01 12.78
CA PRO C 24 -30.34 52.88 12.27
C PRO C 24 -30.22 52.40 10.82
N SER C 25 -29.15 52.80 10.14
CA SER C 25 -28.86 52.27 8.80
C SER C 25 -27.82 51.16 8.93
N LEU C 26 -28.28 49.92 8.86
CA LEU C 26 -27.41 48.74 9.06
C LEU C 26 -26.85 48.23 7.74
N VAL C 27 -25.56 47.92 7.72
CA VAL C 27 -24.92 47.28 6.56
C VAL C 27 -24.42 45.90 7.02
N ILE C 28 -24.78 44.86 6.30
CA ILE C 28 -24.31 43.49 6.59
C ILE C 28 -23.29 43.12 5.51
N VAL C 29 -22.09 42.75 5.93
CA VAL C 29 -20.99 42.42 4.98
C VAL C 29 -20.89 40.90 4.83
N SER C 30 -21.28 40.40 3.68
CA SER C 30 -21.21 38.97 3.36
C SER C 30 -20.11 38.79 2.33
N PRO C 31 -18.97 38.20 2.73
CA PRO C 31 -17.85 38.03 1.82
C PRO C 31 -18.19 37.14 0.61
N ALA C 32 -17.75 37.55 -0.57
CA ALA C 32 -17.99 36.78 -1.81
C ALA C 32 -19.44 36.30 -1.88
N ASN C 38 -22.51 29.33 0.58
CA ASN C 38 -23.52 30.41 0.48
C ASN C 38 -24.27 30.50 1.81
N GLY C 39 -23.76 29.80 2.83
CA GLY C 39 -24.39 29.84 4.17
C GLY C 39 -24.31 31.23 4.75
N ASN C 40 -23.24 31.94 4.43
CA ASN C 40 -23.07 33.34 4.89
C ASN C 40 -24.09 34.22 4.18
N TRP C 41 -24.30 34.03 2.87
CA TRP C 41 -25.30 34.80 2.11
C TRP C 41 -26.70 34.56 2.67
N ARG C 42 -27.02 33.30 2.96
CA ARG C 42 -28.33 32.94 3.53
C ARG C 42 -28.48 33.64 4.88
N THR C 43 -27.43 33.60 5.71
CA THR C 43 -27.45 34.27 7.03
C THR C 43 -27.66 35.77 6.83
N ALA C 44 -26.94 36.37 5.89
CA ALA C 44 -27.04 37.82 5.63
C ALA C 44 -28.46 38.23 5.22
N GLN C 45 -29.06 37.49 4.31
CA GLN C 45 -30.41 37.80 3.79
C GLN C 45 -31.48 37.54 4.85
N ARG C 46 -31.35 36.46 5.60
CA ARG C 46 -32.31 36.15 6.69
C ARG C 46 -32.25 37.26 7.75
N TRP C 47 -31.05 37.69 8.11
CA TRP C 47 -30.87 38.78 9.10
C TRP C 47 -31.47 40.07 8.55
N LYS C 48 -31.29 40.36 7.27
CA LYS C 48 -31.85 41.56 6.63
C LYS C 48 -33.37 41.53 6.78
N ALA C 49 -33.96 40.36 6.58
CA ALA C 49 -35.42 40.20 6.68
C ALA C 49 -35.87 40.38 8.13
N LEU C 50 -35.08 39.87 9.07
CA LEU C 50 -35.46 39.92 10.49
C LEU C 50 -35.28 41.32 11.07
N LEU C 51 -34.35 42.09 10.53
CA LEU C 51 -34.05 43.43 11.09
C LEU C 51 -34.76 44.56 10.33
N SER C 52 -35.24 44.29 9.11
CA SER C 52 -36.00 45.28 8.30
C SER C 52 -37.13 45.97 9.09
N PRO C 53 -37.92 45.31 9.94
CA PRO C 53 -38.95 46.06 10.68
C PRO C 53 -38.48 47.14 11.66
N VAL C 54 -37.21 47.13 12.05
CA VAL C 54 -36.67 48.07 13.09
C VAL C 54 -35.54 48.94 12.53
N CYS C 55 -35.16 48.77 11.27
CA CYS C 55 -33.99 49.52 10.73
C CYS C 55 -33.91 49.40 9.21
N SER C 56 -33.18 50.30 8.56
CA SER C 56 -32.93 50.17 7.11
C SER C 56 -31.70 49.25 6.96
N ALA C 57 -31.88 48.12 6.31
CA ALA C 57 -30.80 47.11 6.24
C ALA C 57 -30.42 46.78 4.80
N ARG C 58 -29.12 46.72 4.53
CA ARG C 58 -28.61 46.39 3.18
C ARG C 58 -27.48 45.38 3.31
N VAL C 59 -27.35 44.50 2.34
CA VAL C 59 -26.27 43.47 2.33
C VAL C 59 -25.25 43.88 1.26
N VAL C 60 -23.98 43.98 1.65
CA VAL C 60 -22.91 44.30 0.65
C VAL C 60 -21.91 43.15 0.63
N GLN C 61 -21.16 43.02 -0.47
CA GLN C 61 -20.09 42.00 -0.53
C GLN C 61 -18.87 42.57 0.19
N GLN C 62 -18.63 43.88 0.02
CA GLN C 62 -17.47 44.59 0.60
C GLN C 62 -17.84 46.02 1.00
N TRP C 63 -17.17 46.52 2.05
CA TRP C 63 -17.49 47.90 2.53
C TRP C 63 -16.18 48.67 2.69
N PRO C 64 -16.05 49.88 2.10
CA PRO C 64 -17.20 50.74 1.84
C PRO C 64 -17.74 50.63 0.40
N ASP C 65 -18.83 51.34 0.15
CA ASP C 65 -19.46 51.35 -1.20
C ASP C 65 -20.00 52.77 -1.45
N ALA C 66 -20.79 52.95 -2.51
CA ALA C 66 -21.32 54.29 -2.87
C ALA C 66 -22.34 54.83 -1.85
N ASP C 67 -22.95 53.98 -1.03
CA ASP C 67 -23.98 54.44 -0.06
C ASP C 67 -23.50 54.21 1.38
N ALA C 68 -22.21 54.41 1.63
CA ALA C 68 -21.64 54.03 2.93
C ALA C 68 -21.73 55.15 3.98
N SER C 69 -21.84 56.39 3.55
CA SER C 69 -21.88 57.56 4.48
C SER C 69 -23.09 57.50 5.41
N ALA C 70 -24.20 56.95 4.93
CA ALA C 70 -25.43 56.87 5.74
C ALA C 70 -25.41 55.71 6.75
N ASP C 71 -24.44 54.81 6.67
CA ASP C 71 -24.43 53.62 7.55
C ASP C 71 -23.98 53.99 8.98
N THR C 72 -24.64 53.43 9.98
CA THR C 72 -24.34 53.68 11.41
C THR C 72 -23.92 52.37 12.11
N VAL C 73 -24.36 51.23 11.62
CA VAL C 73 -24.05 49.93 12.25
C VAL C 73 -23.56 48.94 11.19
N MET C 74 -22.57 48.15 11.55
CA MET C 74 -22.05 47.13 10.64
C MET C 74 -22.06 45.74 11.28
N LEU C 75 -22.67 44.77 10.60
CA LEU C 75 -22.60 43.36 11.01
C LEU C 75 -21.79 42.63 9.94
N ALA C 76 -20.53 42.29 10.23
CA ALA C 76 -19.62 41.71 9.24
C ALA C 76 -19.43 40.21 9.46
N LEU C 77 -19.66 39.41 8.43
CA LEU C 77 -19.58 37.94 8.54
C LEU C 77 -18.18 37.41 8.18
N HIS C 78 -17.61 36.57 9.01
CA HIS C 78 -16.23 36.00 8.83
C HIS C 78 -15.17 37.07 9.15
N ALA C 79 -14.54 36.90 10.31
CA ALA C 79 -13.51 37.86 10.79
C ALA C 79 -12.29 37.95 9.86
N ARG C 80 -12.02 36.89 9.11
CA ARG C 80 -10.91 36.96 8.14
C ARG C 80 -11.40 37.45 6.77
N ARG C 81 -12.43 36.82 6.22
CA ARG C 81 -12.88 37.13 4.84
C ARG C 81 -13.47 38.55 4.74
N SER C 82 -14.00 39.06 5.84
CA SER C 82 -14.53 40.45 5.85
C SER C 82 -13.56 41.40 6.53
N ALA C 83 -12.32 40.96 6.79
CA ALA C 83 -11.37 41.77 7.57
C ALA C 83 -11.10 43.13 6.95
N GLU C 84 -11.10 43.23 5.62
CA GLU C 84 -10.72 44.55 5.10
C GLU C 84 -11.86 45.53 5.31
N SER C 85 -13.07 45.06 5.06
CA SER C 85 -14.24 45.85 5.33
C SER C 85 -14.32 46.19 6.80
N ILE C 86 -13.93 45.27 7.69
CA ILE C 86 -14.01 45.51 9.14
C ILE C 86 -13.05 46.63 9.52
N ALA C 87 -11.85 46.58 8.94
CA ALA C 87 -10.84 47.61 9.19
C ALA C 87 -11.26 48.95 8.60
N HIS C 88 -11.83 48.94 7.41
CA HIS C 88 -12.38 50.19 6.88
C HIS C 88 -13.38 50.81 7.84
N TRP C 89 -14.28 49.99 8.37
CA TRP C 89 -15.30 50.53 9.25
C TRP C 89 -14.67 51.14 10.50
N ALA C 90 -13.71 50.44 11.09
CA ALA C 90 -13.14 50.91 12.35
C ALA C 90 -12.38 52.20 12.14
N HIS C 91 -11.76 52.37 10.98
CA HIS C 91 -11.06 53.61 10.70
C HIS C 91 -12.05 54.75 10.54
N ALA C 92 -13.15 54.50 9.85
CA ALA C 92 -14.17 55.53 9.69
C ALA C 92 -14.94 55.77 10.99
N HIS C 93 -15.13 54.73 11.79
CA HIS C 93 -16.02 54.78 12.95
C HIS C 93 -15.32 54.15 14.14
N PRO C 94 -14.30 54.81 14.70
CA PRO C 94 -13.45 54.18 15.75
C PRO C 94 -14.26 53.95 17.01
N GLY C 95 -14.23 52.73 17.52
CA GLY C 95 -14.98 52.40 18.69
C GLY C 95 -16.49 52.38 18.55
N ARG C 96 -17.05 52.55 17.34
CA ARG C 96 -18.51 52.67 17.22
C ARG C 96 -19.11 51.74 16.20
N GLY C 97 -20.22 51.10 16.57
CA GLY C 97 -21.11 50.38 15.68
C GLY C 97 -20.65 49.09 15.02
N LEU C 98 -19.56 48.42 15.46
CA LEU C 98 -19.02 47.23 14.80
C LEU C 98 -19.37 45.90 15.49
N GLY C 99 -20.10 45.05 14.77
CA GLY C 99 -20.35 43.68 15.16
C GLY C 99 -19.67 42.72 14.22
N VAL C 100 -18.89 41.78 14.72
CA VAL C 100 -18.25 40.81 13.89
C VAL C 100 -18.79 39.44 14.24
N VAL C 101 -19.16 38.69 13.22
CA VAL C 101 -19.82 37.40 13.35
C VAL C 101 -18.80 36.30 13.09
N LEU C 102 -18.60 35.43 14.06
CA LEU C 102 -17.72 34.25 13.86
C LEU C 102 -18.54 33.14 13.20
N THR C 103 -18.22 32.81 11.96
CA THR C 103 -18.99 31.83 11.18
C THR C 103 -18.45 30.41 11.42
N GLY C 104 -17.26 30.29 12.03
CA GLY C 104 -16.74 28.96 12.41
C GLY C 104 -15.29 28.74 12.01
N THR C 105 -15.02 28.70 10.71
CA THR C 105 -13.64 28.48 10.19
C THR C 105 -12.73 29.59 10.73
N ASP C 106 -13.30 30.75 11.03
CA ASP C 106 -12.55 31.91 11.57
C ASP C 106 -12.23 31.69 13.05
N LEU C 107 -13.09 31.00 13.78
CA LEU C 107 -12.94 30.84 15.24
C LEU C 107 -12.15 29.55 15.54
N TYR C 108 -12.34 28.52 14.72
CA TYR C 108 -11.70 27.21 15.01
C TYR C 108 -10.52 26.92 14.07
N GLN C 109 -10.08 27.91 13.28
CA GLN C 109 -8.92 27.69 12.37
C GLN C 109 -8.08 28.96 12.17
N ASP C 110 -8.66 30.14 12.08
CA ASP C 110 -7.90 31.37 11.73
C ASP C 110 -7.46 32.23 12.93
N ILE C 111 -8.24 32.30 14.01
CA ILE C 111 -7.94 33.24 15.15
C ILE C 111 -6.61 32.95 15.86
N GLY C 112 -6.03 31.76 15.69
CA GLY C 112 -4.74 31.43 16.32
C GLY C 112 -3.56 32.16 15.72
N SER C 113 -3.46 32.25 14.40
CA SER C 113 -2.26 32.84 13.74
C SER C 113 -2.62 33.96 12.75
N ASP C 114 -3.82 33.96 12.16
CA ASP C 114 -4.19 34.98 11.15
C ASP C 114 -4.26 36.36 11.80
N PRO C 115 -3.35 37.28 11.43
CA PRO C 115 -3.34 38.62 12.00
C PRO C 115 -4.58 39.42 11.61
N GLN C 116 -5.16 39.12 10.45
CA GLN C 116 -6.40 39.80 10.01
C GLN C 116 -7.53 39.44 10.95
N ALA C 117 -7.71 38.14 11.21
CA ALA C 117 -8.83 37.75 12.07
C ALA C 117 -8.64 38.26 13.50
N GLN C 118 -7.41 38.20 14.00
CA GLN C 118 -7.15 38.74 15.34
C GLN C 118 -7.49 40.22 15.40
N ARG C 119 -7.05 40.98 14.40
CA ARG C 119 -7.39 42.39 14.42
C ARG C 119 -8.91 42.56 14.41
N SER C 120 -9.61 41.82 13.54
CA SER C 120 -11.06 41.99 13.49
C SER C 120 -11.68 41.80 14.89
N LEU C 121 -11.22 40.77 15.60
CA LEU C 121 -11.66 40.52 16.96
C LEU C 121 -11.45 41.73 17.83
N GLN C 122 -10.25 42.33 17.79
CA GLN C 122 -9.99 43.45 18.68
C GLN C 122 -10.79 44.67 18.28
N LEU C 123 -11.07 44.84 17.01
CA LEU C 123 -11.71 46.06 16.56
C LEU C 123 -13.20 46.08 16.87
N ALA C 124 -13.80 44.94 17.08
CA ALA C 124 -15.24 44.86 17.14
C ALA C 124 -15.75 45.34 18.50
N GLN C 125 -16.90 45.99 18.49
CA GLN C 125 -17.59 46.40 19.74
C GLN C 125 -18.39 45.20 20.26
N ARG C 126 -18.86 44.34 19.35
CA ARG C 126 -19.62 43.12 19.72
C ARG C 126 -19.16 41.97 18.84
N LEU C 127 -19.05 40.78 19.41
CA LEU C 127 -18.72 39.57 18.63
C LEU C 127 -19.93 38.64 18.65
N VAL C 128 -20.22 38.00 17.52
CA VAL C 128 -21.31 37.01 17.50
C VAL C 128 -20.81 35.59 17.23
N VAL C 129 -21.07 34.67 18.14
CA VAL C 129 -20.85 33.25 17.89
C VAL C 129 -22.21 32.61 17.67
N LEU C 130 -22.19 31.48 17.00
CA LEU C 130 -23.41 30.91 16.47
C LEU C 130 -23.88 29.73 17.27
N GLN C 131 -23.11 29.33 18.27
CA GLN C 131 -23.56 28.31 19.19
C GLN C 131 -22.91 28.57 20.55
N ALA C 132 -23.43 27.85 21.54
CA ALA C 132 -23.21 28.13 22.95
C ALA C 132 -21.75 28.06 23.38
N LEU C 133 -20.93 27.23 22.71
CA LEU C 133 -19.54 27.06 23.12
C LEU C 133 -18.59 27.99 22.36
N GLY C 134 -19.08 28.72 21.37
CA GLY C 134 -18.19 29.56 20.58
C GLY C 134 -17.18 30.35 21.41
N ALA C 135 -17.66 31.02 22.47
CA ALA C 135 -16.83 31.99 23.16
C ALA C 135 -15.62 31.35 23.80
N GLU C 136 -15.70 30.05 24.08
CA GLU C 136 -14.60 29.30 24.67
C GLU C 136 -13.36 29.33 23.78
N ALA C 137 -13.55 29.34 22.46
CA ALA C 137 -12.47 29.49 21.51
C ALA C 137 -11.94 30.91 21.40
N LEU C 138 -12.60 31.87 21.95
CA LEU C 138 -12.11 33.22 21.79
C LEU C 138 -11.00 33.50 22.81
N PRO C 139 -10.13 34.45 22.53
CA PRO C 139 -9.23 34.97 23.58
C PRO C 139 -10.04 35.42 24.78
N PRO C 140 -9.51 35.26 25.99
CA PRO C 140 -10.33 35.54 27.20
C PRO C 140 -10.79 36.97 27.33
N GLU C 141 -10.01 37.91 26.80
CA GLU C 141 -10.42 39.31 26.86
C GLU C 141 -11.49 39.65 25.83
N CYS C 142 -11.71 38.81 24.84
CA CYS C 142 -12.77 39.05 23.87
C CYS C 142 -14.11 38.40 24.24
N ARG C 143 -14.15 37.63 25.34
CA ARG C 143 -15.30 36.82 25.65
C ARG C 143 -16.46 37.61 26.18
N ALA C 144 -16.16 38.70 26.91
CA ALA C 144 -17.19 39.55 27.50
C ALA C 144 -18.07 40.21 26.44
N LYS C 145 -17.52 40.56 25.29
CA LYS C 145 -18.26 41.31 24.28
C LYS C 145 -18.99 40.41 23.28
N ALA C 146 -18.85 39.09 23.41
CA ALA C 146 -19.48 38.10 22.54
C ALA C 146 -20.93 37.85 22.93
N ARG C 147 -21.74 37.48 21.95
CA ARG C 147 -23.16 37.17 22.20
C ARG C 147 -23.52 35.94 21.38
N VAL C 148 -24.27 35.02 21.97
CA VAL C 148 -24.69 33.78 21.26
C VAL C 148 -25.95 34.09 20.44
N VAL C 149 -25.84 34.02 19.12
CA VAL C 149 -27.03 34.18 18.22
C VAL C 149 -27.18 32.90 17.40
N TYR C 150 -28.11 32.05 17.80
CA TYR C 150 -28.37 30.79 17.09
C TYR C 150 -29.01 31.06 15.72
N GLN C 151 -28.65 30.24 14.74
CA GLN C 151 -29.22 30.37 13.39
C GLN C 151 -30.70 29.97 13.42
N SER C 152 -31.45 30.29 12.39
CA SER C 152 -32.91 30.00 12.40
C SER C 152 -33.44 29.57 11.05
N THR C 153 -34.55 28.86 11.04
CA THR C 153 -35.27 28.47 9.80
C THR C 153 -36.71 28.17 10.19
N SER C 154 -37.62 28.33 9.25
CA SER C 154 -39.04 27.99 9.50
C SER C 154 -39.17 26.51 9.81
N ALA C 155 -39.97 26.20 10.81
CA ALA C 155 -40.19 24.80 11.20
C ALA C 155 -41.01 24.10 10.13
N ARG C 156 -40.55 22.94 9.67
CA ARG C 156 -41.32 22.12 8.75
C ARG C 156 -41.62 20.79 9.42
N ALA C 157 -42.84 20.29 9.26
CA ALA C 157 -43.25 19.12 10.04
C ALA C 157 -42.50 17.86 9.58
N GLU C 158 -42.35 16.91 10.50
CA GLU C 158 -41.65 15.69 10.19
C GLU C 158 -42.39 14.92 9.11
N LEU C 159 -41.65 14.52 8.04
CA LEU C 159 -42.23 13.74 6.96
C LEU C 159 -42.42 12.28 7.38
N PRO C 160 -43.40 11.58 6.79
CA PRO C 160 -43.52 10.13 7.05
C PRO C 160 -42.33 9.39 6.45
N LYS C 161 -41.83 8.39 7.19
CA LYS C 161 -40.62 7.71 6.76
C LYS C 161 -40.79 6.22 6.92
N SER C 162 -40.16 5.45 6.04
CA SER C 162 -40.38 4.02 6.02
C SER C 162 -39.42 3.31 6.97
N ALA C 163 -39.91 2.23 7.58
CA ALA C 163 -39.07 1.37 8.42
C ALA C 163 -38.34 0.28 7.62
N ARG C 164 -38.48 0.28 6.28
CA ARG C 164 -37.81 -0.68 5.42
C ARG C 164 -36.29 -0.47 5.37
N GLN C 165 -35.82 0.77 5.51
CA GLN C 165 -34.39 1.05 5.47
C GLN C 165 -34.09 2.22 6.42
N LEU C 166 -32.82 2.45 6.65
CA LEU C 166 -32.35 3.65 7.34
C LEU C 166 -31.57 4.48 6.33
N ARG C 167 -32.06 5.68 6.02
CA ARG C 167 -31.34 6.58 5.13
C ARG C 167 -30.71 7.68 5.99
N ALA C 168 -29.38 7.73 6.00
CA ALA C 168 -28.61 8.78 6.66
C ALA C 168 -28.05 9.71 5.60
N VAL C 169 -27.93 11.00 5.93
CA VAL C 169 -27.35 12.00 5.04
C VAL C 169 -26.21 12.64 5.79
N MET C 170 -25.10 12.92 5.09
CA MET C 170 -24.02 13.78 5.57
C MET C 170 -23.77 14.87 4.53
N VAL C 171 -23.83 16.12 4.95
CA VAL C 171 -23.52 17.25 4.08
C VAL C 171 -22.06 17.65 4.27
N PRO C 180 -13.97 13.47 5.95
CA PRO C 180 -14.62 12.48 5.09
C PRO C 180 -14.30 11.05 5.53
N GLN C 181 -13.12 10.82 6.10
CA GLN C 181 -12.65 9.44 6.44
C GLN C 181 -13.48 8.77 7.53
N THR C 182 -13.91 9.51 8.55
CA THR C 182 -14.76 8.90 9.55
C THR C 182 -16.02 8.33 8.91
N LEU C 183 -16.67 9.10 8.02
CA LEU C 183 -17.83 8.57 7.31
C LEU C 183 -17.45 7.45 6.34
N PHE C 184 -16.30 7.57 5.65
CA PHE C 184 -15.86 6.48 4.76
C PHE C 184 -15.65 5.17 5.52
N ASP C 185 -14.99 5.22 6.68
CA ASP C 185 -14.71 3.99 7.41
C ASP C 185 -15.98 3.39 7.99
N ALA C 186 -16.94 4.23 8.39
CA ALA C 186 -18.22 3.69 8.86
C ALA C 186 -19.00 3.05 7.71
N ALA C 187 -18.94 3.62 6.50
CA ALA C 187 -19.54 2.96 5.34
C ALA C 187 -18.86 1.63 5.03
N ARG C 188 -17.52 1.61 5.05
CA ARG C 188 -16.78 0.36 4.91
C ARG C 188 -17.14 -0.64 6.02
N LEU C 189 -17.39 -0.18 7.25
CA LEU C 189 -17.79 -1.09 8.34
C LEU C 189 -19.20 -1.65 8.14
N LEU C 190 -20.03 -0.96 7.36
CA LEU C 190 -21.41 -1.40 7.10
C LEU C 190 -21.58 -1.73 5.61
N CYS C 191 -20.53 -2.20 4.95
CA CYS C 191 -20.56 -2.43 3.47
C CYS C 191 -21.70 -3.36 3.06
N GLY C 192 -21.94 -4.44 3.80
CA GLY C 192 -22.97 -5.41 3.41
C GLY C 192 -24.30 -5.18 4.08
N ARG C 193 -24.47 -4.04 4.74
CA ARG C 193 -25.76 -3.69 5.37
C ARG C 193 -26.57 -2.86 4.39
N GLU C 194 -27.13 -3.49 3.35
CA GLU C 194 -27.84 -2.73 2.33
C GLU C 194 -29.12 -2.14 2.87
N ASP C 195 -29.56 -2.52 4.08
CA ASP C 195 -30.68 -1.85 4.73
C ASP C 195 -30.30 -0.49 5.34
N ILE C 196 -29.06 -0.05 5.16
CA ILE C 196 -28.58 1.21 5.69
C ILE C 196 -27.99 1.96 4.51
N ARG C 197 -28.65 3.05 4.12
CA ARG C 197 -28.15 3.89 3.05
C ARG C 197 -27.48 5.11 3.66
N ILE C 198 -26.32 5.46 3.10
CA ILE C 198 -25.57 6.64 3.48
C ILE C 198 -25.44 7.51 2.25
N ASP C 199 -26.10 8.66 2.27
CA ASP C 199 -26.03 9.61 1.17
C ASP C 199 -25.10 10.75 1.57
N HIS C 200 -24.02 10.93 0.83
CA HIS C 200 -22.97 11.90 1.18
C HIS C 200 -23.03 13.06 0.21
N ILE C 201 -23.43 14.23 0.70
CA ILE C 201 -23.54 15.41 -0.16
C ILE C 201 -22.38 16.35 0.11
N GLY C 202 -21.73 16.79 -0.96
CA GLY C 202 -20.61 17.71 -0.82
C GLY C 202 -19.76 17.89 -2.07
N ASP C 203 -19.00 18.97 -2.14
CA ASP C 203 -18.06 19.22 -3.23
C ASP C 203 -16.71 18.58 -2.90
N ALA C 204 -16.06 18.02 -3.92
CA ALA C 204 -14.69 17.49 -3.75
C ALA C 204 -13.69 18.62 -3.93
N LEU C 209 -10.23 13.54 -3.44
CA LEU C 209 -10.84 12.60 -2.47
C LEU C 209 -12.14 12.07 -3.06
N GLY C 210 -12.48 12.52 -4.27
CA GLY C 210 -13.70 12.05 -4.93
C GLY C 210 -13.57 10.64 -5.48
N GLU C 211 -12.36 10.20 -5.82
CA GLU C 211 -12.13 8.84 -6.33
C GLU C 211 -12.33 7.83 -5.20
N LEU C 212 -11.81 8.14 -4.02
CA LEU C 212 -12.07 7.25 -2.86
C LEU C 212 -13.58 7.18 -2.64
N ALA C 213 -14.30 8.26 -2.95
CA ALA C 213 -15.75 8.28 -2.77
C ALA C 213 -16.39 7.44 -3.88
N ARG C 214 -16.03 7.75 -5.12
CA ARG C 214 -16.52 6.96 -6.24
C ARG C 214 -16.19 5.49 -6.07
N ALA C 215 -15.00 5.19 -5.57
CA ALA C 215 -14.59 3.78 -5.39
C ALA C 215 -15.47 3.14 -4.31
N LEU C 216 -15.65 3.83 -3.19
CA LEU C 216 -16.51 3.33 -2.08
C LEU C 216 -17.93 3.09 -2.60
N ALA C 217 -18.45 4.01 -3.38
CA ALA C 217 -19.84 3.89 -3.89
C ALA C 217 -19.93 2.64 -4.78
N SER C 218 -18.91 2.37 -5.57
CA SER C 218 -18.90 1.18 -6.46
C SER C 218 -18.78 -0.06 -5.61
N ASP C 219 -17.94 0.00 -4.58
CA ASP C 219 -17.69 -1.18 -3.70
C ASP C 219 -18.84 -1.40 -2.71
N CYS C 220 -19.48 -0.32 -2.23
CA CYS C 220 -20.50 -0.45 -1.17
C CYS C 220 -21.87 0.00 -1.67
N PRO C 221 -22.86 -0.90 -1.69
CA PRO C 221 -24.19 -0.57 -2.19
C PRO C 221 -24.94 0.57 -1.48
N GLY C 222 -24.84 0.63 -0.16
CA GLY C 222 -25.53 1.66 0.62
C GLY C 222 -24.82 3.00 0.60
N TYR C 223 -23.57 3.08 0.17
CA TYR C 223 -22.94 4.38 0.08
C TYR C 223 -23.15 5.00 -1.31
N ARG C 224 -23.34 6.32 -1.33
CA ARG C 224 -23.55 7.09 -2.55
C ARG C 224 -22.94 8.47 -2.35
N TRP C 225 -22.10 8.90 -3.28
CA TRP C 225 -21.58 10.25 -3.25
C TRP C 225 -22.33 11.06 -4.30
N LEU C 226 -23.11 12.03 -3.84
CA LEU C 226 -23.98 12.83 -4.68
C LEU C 226 -23.30 14.06 -5.21
N GLY C 227 -22.12 14.41 -4.70
CA GLY C 227 -21.50 15.66 -5.08
C GLY C 227 -22.17 16.88 -4.45
N ALA C 228 -21.83 18.05 -5.03
CA ALA C 228 -22.30 19.34 -4.55
C ALA C 228 -23.75 19.57 -4.96
N LEU C 229 -24.61 19.87 -3.99
CA LEU C 229 -25.98 20.11 -4.38
C LEU C 229 -26.37 21.50 -3.92
N PRO C 230 -27.28 22.16 -4.62
CA PRO C 230 -27.82 23.41 -4.09
C PRO C 230 -28.48 23.23 -2.73
N HIS C 231 -28.49 24.31 -1.97
CA HIS C 231 -28.98 24.30 -0.60
C HIS C 231 -30.39 23.70 -0.51
N ALA C 232 -31.31 24.14 -1.37
CA ALA C 232 -32.70 23.69 -1.23
C ALA C 232 -32.83 22.19 -1.45
N GLN C 233 -32.06 21.61 -2.39
CA GLN C 233 -32.04 20.16 -2.57
C GLN C 233 -31.45 19.45 -1.35
N THR C 234 -30.39 20.03 -0.76
CA THR C 234 -29.84 19.44 0.47
C THR C 234 -30.86 19.50 1.61
N ARG C 235 -31.50 20.66 1.78
CA ARG C 235 -32.53 20.80 2.81
C ARG C 235 -33.60 19.73 2.66
N GLN C 236 -34.08 19.53 1.43
CA GLN C 236 -35.09 18.50 1.16
C GLN C 236 -34.56 17.11 1.49
N ARG C 237 -33.33 16.80 1.08
CA ARG C 237 -32.75 15.46 1.35
C ARG C 237 -32.63 15.22 2.86
N ILE C 238 -32.33 16.27 3.63
CA ILE C 238 -32.18 16.18 5.11
C ILE C 238 -33.55 15.90 5.75
N GLN C 239 -34.60 16.54 5.24
CA GLN C 239 -35.99 16.35 5.75
C GLN C 239 -36.46 14.93 5.48
N ARG C 240 -36.06 14.34 4.36
CA ARG C 240 -36.57 13.01 3.96
C ARG C 240 -35.74 11.91 4.62
N ALA C 241 -34.51 12.24 5.01
CA ALA C 241 -33.61 11.25 5.64
C ALA C 241 -34.07 10.84 7.03
N HIS C 242 -33.73 9.62 7.43
CA HIS C 242 -34.01 9.21 8.80
C HIS C 242 -33.05 9.85 9.80
N VAL C 243 -31.90 10.32 9.34
CA VAL C 243 -30.97 10.80 10.31
C VAL C 243 -29.88 11.53 9.55
N LEU C 244 -29.36 12.58 10.17
CA LEU C 244 -28.30 13.42 9.64
C LEU C 244 -27.03 13.12 10.44
N VAL C 245 -25.92 12.93 9.73
CA VAL C 245 -24.61 12.60 10.30
C VAL C 245 -23.73 13.81 10.06
N HIS C 246 -23.12 14.34 11.10
CA HIS C 246 -22.22 15.49 10.99
C HIS C 246 -20.94 15.16 11.76
N THR C 247 -19.79 15.14 11.08
CA THR C 247 -18.54 14.71 11.71
C THR C 247 -17.57 15.85 11.98
N SER C 248 -17.83 17.02 11.40
CA SER C 248 -16.96 18.17 11.60
C SER C 248 -17.54 19.09 12.68
N GLY C 253 -21.96 23.27 9.85
CA GLY C 253 -22.63 22.55 10.92
C GLY C 253 -23.62 23.42 11.67
N ALA C 254 -23.18 24.65 12.00
CA ALA C 254 -24.02 25.65 12.66
C ALA C 254 -25.35 25.90 11.94
N HIS C 255 -25.48 25.50 10.66
CA HIS C 255 -26.76 25.52 9.98
C HIS C 255 -27.28 24.13 9.56
N VAL C 256 -26.38 23.19 9.30
CA VAL C 256 -26.84 21.89 8.85
C VAL C 256 -27.56 21.15 9.96
N ILE C 257 -26.99 21.19 11.17
CA ILE C 257 -27.67 20.60 12.30
C ILE C 257 -28.99 21.32 12.52
N MET C 258 -28.96 22.65 12.48
CA MET C 258 -30.19 23.42 12.63
C MET C 258 -31.24 22.93 11.65
N GLU C 259 -30.86 22.78 10.38
CA GLU C 259 -31.86 22.40 9.38
C GLU C 259 -32.45 21.04 9.69
N ALA C 260 -31.63 20.10 10.17
CA ALA C 260 -32.13 18.79 10.53
C ALA C 260 -33.14 18.89 11.67
N VAL C 261 -32.75 19.55 12.75
CA VAL C 261 -33.59 19.67 13.95
C VAL C 261 -34.92 20.35 13.60
N ARG C 262 -34.86 21.47 12.89
CA ARG C 262 -36.09 22.18 12.63
C ARG C 262 -37.01 21.46 11.63
N SER C 263 -36.54 20.34 11.03
CA SER C 263 -37.34 19.54 10.11
C SER C 263 -37.73 18.19 10.68
N GLY C 264 -37.49 17.95 11.96
CA GLY C 264 -37.83 16.69 12.56
C GLY C 264 -36.89 15.54 12.29
N THR C 265 -35.70 15.81 11.70
CA THR C 265 -34.73 14.75 11.51
C THR C 265 -33.70 14.71 12.64
N PRO C 266 -33.56 13.60 13.33
CA PRO C 266 -32.52 13.53 14.36
C PRO C 266 -31.12 13.58 13.75
N VAL C 267 -30.15 13.81 14.65
CA VAL C 267 -28.74 13.99 14.32
C VAL C 267 -27.88 12.99 15.06
N LEU C 268 -26.82 12.53 14.40
CA LEU C 268 -25.70 11.86 15.05
C LEU C 268 -24.49 12.72 14.76
N ALA C 269 -23.75 13.13 15.80
CA ALA C 269 -22.69 14.12 15.60
C ALA C 269 -21.46 13.75 16.40
N SER C 270 -20.32 14.20 15.92
CA SER C 270 -19.06 14.08 16.69
C SER C 270 -19.15 14.96 17.94
N ARG C 271 -18.66 14.47 19.07
CA ARG C 271 -18.67 15.25 20.34
C ARG C 271 -17.55 16.28 20.37
N VAL C 272 -17.70 17.34 19.59
CA VAL C 272 -16.70 18.44 19.51
C VAL C 272 -17.46 19.73 19.83
N PRO C 273 -16.79 20.80 20.30
CA PRO C 273 -17.47 22.05 20.68
C PRO C 273 -18.56 22.57 19.75
N GLY C 274 -18.25 22.70 18.47
CA GLY C 274 -19.23 23.17 17.47
C GLY C 274 -20.53 22.39 17.52
N ASN C 275 -20.44 21.08 17.63
CA ASN C 275 -21.65 20.23 17.62
C ASN C 275 -22.32 20.27 18.99
N VAL C 276 -21.55 20.29 20.08
CA VAL C 276 -22.11 20.26 21.45
C VAL C 276 -22.90 21.56 21.73
N GLY C 277 -22.43 22.68 21.18
CA GLY C 277 -23.14 23.98 21.30
C GLY C 277 -24.49 23.97 20.60
N MET C 278 -24.70 23.03 19.67
CA MET C 278 -25.96 23.02 18.88
C MET C 278 -26.92 21.94 19.40
N LEU C 279 -26.39 20.79 19.83
CA LEU C 279 -27.30 19.67 20.22
C LEU C 279 -27.41 19.56 21.75
N GLY C 280 -26.54 20.21 22.51
CA GLY C 280 -26.59 20.16 23.98
C GLY C 280 -25.60 19.22 24.63
N ASN C 281 -25.13 19.56 25.83
CA ASN C 281 -24.15 18.73 26.59
C ASN C 281 -24.69 17.32 26.90
N ASP C 282 -25.98 17.15 27.04
CA ASP C 282 -26.57 15.85 27.41
C ASP C 282 -27.26 15.18 26.21
N TYR C 283 -26.86 15.52 24.97
CA TYR C 283 -27.41 14.82 23.78
C TYR C 283 -26.87 13.38 23.73
N ALA C 284 -27.74 12.43 23.39
CA ALA C 284 -27.35 11.00 23.34
C ALA C 284 -26.93 10.56 21.94
N GLY C 285 -26.88 11.47 20.97
CA GLY C 285 -26.46 11.15 19.59
C GLY C 285 -25.00 11.42 19.29
N TYR C 286 -24.12 11.50 20.29
CA TYR C 286 -22.73 11.82 19.99
C TYR C 286 -21.92 10.54 19.87
N PHE C 287 -20.87 10.59 19.04
CA PHE C 287 -19.76 9.65 18.95
C PHE C 287 -18.47 10.44 19.05
N PRO C 288 -17.41 9.82 19.53
CA PRO C 288 -16.13 10.51 19.61
C PRO C 288 -15.63 10.90 18.22
N HIS C 289 -14.94 12.03 18.19
CA HIS C 289 -14.33 12.50 16.96
C HIS C 289 -13.40 11.43 16.39
N GLY C 290 -13.54 11.13 15.10
CA GLY C 290 -12.75 10.12 14.42
C GLY C 290 -13.20 8.68 14.62
N ASP C 291 -14.14 8.43 15.50
CA ASP C 291 -14.50 7.07 15.83
C ASP C 291 -15.54 6.55 14.83
N ALA C 292 -15.03 5.96 13.74
CA ALA C 292 -15.90 5.34 12.73
C ALA C 292 -16.71 4.16 13.30
N ALA C 293 -16.08 3.30 14.11
CA ALA C 293 -16.80 2.17 14.69
C ALA C 293 -17.99 2.64 15.53
N ALA C 294 -17.75 3.62 16.42
CA ALA C 294 -18.85 4.23 17.19
C ALA C 294 -19.97 4.71 16.28
N LEU C 295 -19.61 5.37 15.18
CA LEU C 295 -20.60 5.87 14.22
C LEU C 295 -21.37 4.73 13.56
N ALA C 296 -20.67 3.68 13.16
CA ALA C 296 -21.34 2.51 12.59
C ALA C 296 -22.31 1.86 13.60
N ALA C 297 -21.92 1.79 14.86
CA ALA C 297 -22.76 1.13 15.87
C ALA C 297 -24.01 1.98 16.20
N LEU C 298 -23.87 3.32 16.18
CA LEU C 298 -25.05 4.18 16.32
C LEU C 298 -26.01 4.01 15.14
N LEU C 299 -25.47 3.86 13.93
CA LEU C 299 -26.36 3.64 12.80
C LEU C 299 -27.14 2.33 12.95
N GLU C 300 -26.43 1.23 13.23
CA GLU C 300 -27.07 -0.07 13.50
C GLU C 300 -28.13 -0.02 14.61
N ALA C 301 -27.89 0.78 15.66
CA ALA C 301 -28.91 0.90 16.70
C ALA C 301 -30.12 1.66 16.19
N CYS C 302 -29.87 2.76 15.45
CA CYS C 302 -30.99 3.47 14.85
C CYS C 302 -31.78 2.52 13.96
N ARG C 303 -31.07 1.73 13.17
CA ARG C 303 -31.73 0.79 12.27
C ARG C 303 -32.52 -0.27 13.05
N ALA C 304 -31.93 -0.79 14.12
CA ALA C 304 -32.60 -1.89 14.84
C ALA C 304 -33.88 -1.42 15.51
N GLY C 305 -33.89 -0.18 16.00
CA GLY C 305 -35.09 0.37 16.60
C GLY C 305 -36.21 0.65 15.62
N GLN C 306 -35.94 0.62 14.32
CA GLN C 306 -37.04 0.79 13.40
C GLN C 306 -37.91 -0.46 13.44
N ALA C 313 -39.99 3.09 21.64
CA ALA C 313 -38.56 2.87 21.90
C ALA C 313 -37.71 2.96 20.62
N GLY C 314 -36.43 3.06 20.80
CA GLY C 314 -35.62 3.27 19.61
C GLY C 314 -34.64 4.41 19.83
N LEU C 315 -33.38 4.19 19.48
CA LEU C 315 -32.42 5.26 19.57
C LEU C 315 -32.92 6.45 18.77
N LEU C 316 -33.52 6.20 17.63
CA LEU C 316 -34.05 7.28 16.76
C LEU C 316 -35.14 8.07 17.49
N ASP C 317 -36.09 7.39 18.11
CA ASP C 317 -37.22 8.06 18.82
C ASP C 317 -36.67 8.88 19.99
N SER C 318 -35.67 8.36 20.68
CA SER C 318 -35.04 9.12 21.79
C SER C 318 -34.38 10.38 21.23
N LEU C 319 -33.66 10.25 20.12
CA LEU C 319 -32.99 11.41 19.56
C LEU C 319 -34.01 12.41 19.00
N ARG C 320 -35.06 11.91 18.35
CA ARG C 320 -36.10 12.81 17.88
C ARG C 320 -36.65 13.69 19.01
N THR C 321 -36.96 13.08 20.15
CA THR C 321 -37.48 13.79 21.33
C THR C 321 -36.49 14.83 21.83
N GLN C 322 -35.22 14.49 21.90
CA GLN C 322 -34.17 15.43 22.36
C GLN C 322 -33.99 16.58 21.36
N CYS C 323 -34.09 16.29 20.07
CA CYS C 323 -33.96 17.32 19.03
C CYS C 323 -35.16 18.29 19.08
N ALA C 324 -36.35 17.76 19.34
CA ALA C 324 -37.56 18.59 19.42
C ALA C 324 -37.39 19.58 20.57
N LEU C 325 -36.72 19.14 21.64
CA LEU C 325 -36.44 20.09 22.71
C LEU C 325 -35.50 21.18 22.26
N ARG C 326 -34.51 20.85 21.41
CA ARG C 326 -33.61 21.91 20.97
C ARG C 326 -34.25 22.89 19.98
N ALA C 327 -35.29 22.46 19.25
CA ALA C 327 -35.78 23.23 18.11
C ALA C 327 -36.15 24.68 18.40
N PRO C 328 -36.76 25.03 19.54
CA PRO C 328 -37.11 26.43 19.77
C PRO C 328 -35.88 27.33 19.79
N LEU C 329 -34.68 26.80 20.03
CA LEU C 329 -33.51 27.67 19.99
C LEU C 329 -33.24 28.23 18.58
N PHE C 330 -33.72 27.54 17.56
CA PHE C 330 -33.56 27.91 16.16
C PHE C 330 -34.85 28.49 15.59
N ASP C 331 -35.71 29.04 16.50
CA ASP C 331 -36.91 29.69 15.96
C ASP C 331 -36.60 31.10 15.49
N PRO C 332 -37.12 31.49 14.30
CA PRO C 332 -36.82 32.86 13.78
C PRO C 332 -37.18 33.98 14.75
N ARG C 333 -38.24 33.83 15.55
CA ARG C 333 -38.54 34.83 16.56
C ARG C 333 -37.38 35.01 17.55
N ALA C 334 -36.78 33.89 17.98
CA ALA C 334 -35.61 33.92 18.85
C ALA C 334 -34.46 34.65 18.21
N GLU C 335 -34.15 34.34 16.95
CA GLU C 335 -32.99 34.98 16.25
C GLU C 335 -33.25 36.47 16.10
N GLN C 336 -34.46 36.83 15.69
CA GLN C 336 -34.83 38.26 15.55
C GLN C 336 -34.62 39.00 16.87
N ALA C 337 -35.18 38.48 17.96
CA ALA C 337 -35.07 39.15 19.27
C ALA C 337 -33.61 39.32 19.64
N ALA C 338 -32.78 38.31 19.36
CA ALA C 338 -31.39 38.45 19.79
C ALA C 338 -30.66 39.48 18.94
N LEU C 339 -31.03 39.57 17.65
CA LEU C 339 -30.47 40.60 16.79
C LEU C 339 -31.01 41.98 17.17
N PHE C 340 -32.30 42.07 17.57
CA PHE C 340 -32.84 43.33 18.09
C PHE C 340 -31.99 43.82 19.25
N GLN C 341 -31.63 42.93 20.16
CA GLN C 341 -30.84 43.34 21.31
C GLN C 341 -29.44 43.79 20.87
N LEU C 342 -28.83 43.01 19.99
CA LEU C 342 -27.50 43.32 19.50
C LEU C 342 -27.46 44.67 18.79
N LEU C 343 -28.48 44.96 17.98
CA LEU C 343 -28.57 46.28 17.29
C LEU C 343 -28.67 47.39 18.34
N ASN C 344 -29.43 47.16 19.40
CA ASN C 344 -29.62 48.20 20.45
C ASN C 344 -28.30 48.51 21.17
N GLU C 345 -27.38 47.56 21.20
CA GLU C 345 -26.07 47.75 21.89
C GLU C 345 -25.10 48.44 20.94
N LEU C 346 -25.22 48.16 19.63
CA LEU C 346 -24.27 48.73 18.63
C LEU C 346 -24.74 50.12 18.21
N GLN C 347 -26.04 50.43 18.33
CA GLN C 347 -26.55 51.74 17.82
C GLN C 347 -25.79 52.89 18.49
N PRO C 348 -25.04 53.65 17.70
CA PRO C 348 -24.17 54.73 18.19
C PRO C 348 -24.99 55.94 18.65
N PRO C 349 -24.59 56.63 19.74
CA PRO C 349 -25.32 57.82 20.21
C PRO C 349 -25.39 58.86 19.08
N PRO C 350 -26.52 59.56 18.87
CA PRO C 350 -26.59 60.59 17.84
C PRO C 350 -25.32 61.43 17.74
N PRO C 351 -24.76 61.59 16.52
CA PRO C 351 -23.48 62.29 16.34
C PRO C 351 -23.42 63.69 16.95
#